data_7PD1
#
_entry.id   7PD1
#
_cell.length_a   175.090
_cell.length_b   48.850
_cell.length_c   85.410
_cell.angle_alpha   90.000
_cell.angle_beta   97.020
_cell.angle_gamma   90.000
#
_symmetry.space_group_name_H-M   'C 1 2 1'
#
loop_
_entity.id
_entity.type
_entity.pdbx_description
1 polymer 'Thiazole biosynthesis protein ThiH'
2 non-polymer 'IRON/SULFUR CLUSTER'
3 non-polymer "5'-DEOXYADENOSINE"
4 non-polymer METHIONINE
5 non-polymer TYROSINE
6 non-polymer 'SULFATE ION'
7 non-polymer 'POTASSIUM ION'
8 non-polymer 'BROMIDE ION'
9 non-polymer GLYCEROL
10 water water
#
_entity_poly.entity_id   1
_entity_poly.type   'polypeptide(L)'
_entity_poly.pdbx_seq_one_letter_code
;MWSHPQFEKASGTFYDVIEDYRHFDFAAYFAKVTDSDVRRILRQDRLSALDFLTLLSPQAEAYLEEMAQKAHRLTVQHFG
RTMLLYTPLYLANYCVNQCVYCGFQLKNKLERKKLTLAEVEQEAQLIAATGLKHILILTGESRQHSPVSYIKDCVNILKK
YFSSISIEIYPLTQEEYAELIGAGVDGLTIYQEVYNEEVYAEMHPAGPKRNYRFRLEAPERACQAGMRTVNIGALLGLND
WRQEAFFTGLHADYLQRRFPDVEVSISPPRMRPHLGGFPPRVVVSDQNLVQYVLAFRLFMPRSGITLSTRENGRLRDAMV
RLGVTKMSAGSCTAVGGRSDQEAVGQFQISDERTVAEVAAMLYAQGYQPVYKDWQAL
;
_entity_poly.pdbx_strand_id   A,B
#
loop_
_chem_comp.id
_chem_comp.type
_chem_comp.name
_chem_comp.formula
5AD non-polymer 5'-DEOXYADENOSINE 'C10 H13 N5 O3'
BR non-polymer 'BROMIDE ION' 'Br -1'
GOL non-polymer GLYCEROL 'C3 H8 O3'
K non-polymer 'POTASSIUM ION' 'K 1'
SF4 non-polymer 'IRON/SULFUR CLUSTER' 'Fe4 S4'
SO4 non-polymer 'SULFATE ION' 'O4 S -2'
#
# COMPACT_ATOMS: atom_id res chain seq x y z
N GLY A 12 11.87 20.03 22.00
CA GLY A 12 11.78 18.63 21.62
C GLY A 12 11.78 18.44 20.11
N THR A 13 12.90 18.77 19.48
CA THR A 13 13.06 18.61 18.03
C THR A 13 14.39 17.91 17.77
N PHE A 14 14.66 17.62 16.49
CA PHE A 14 15.94 17.04 16.14
C PHE A 14 17.12 17.95 16.52
N TYR A 15 16.87 19.24 16.67
CA TYR A 15 17.98 20.13 17.06
C TYR A 15 18.56 19.70 18.40
N ASP A 16 17.73 19.15 19.30
CA ASP A 16 18.25 18.68 20.57
C ASP A 16 19.25 17.56 20.36
N VAL A 17 19.02 16.71 19.36
CA VAL A 17 19.95 15.63 19.05
C VAL A 17 21.26 16.18 18.47
N ILE A 18 21.16 17.14 17.56
CA ILE A 18 22.35 17.83 17.05
C ILE A 18 23.15 18.43 18.22
N GLU A 19 22.47 19.09 19.16
CA GLU A 19 23.17 19.67 20.30
C GLU A 19 23.90 18.58 21.09
N ASP A 20 23.23 17.45 21.33
CA ASP A 20 23.81 16.35 22.09
C ASP A 20 25.03 15.74 21.44
N TYR A 21 25.10 15.73 20.11
CA TYR A 21 26.26 15.15 19.46
C TYR A 21 27.36 16.15 19.19
N ARG A 22 27.19 17.42 19.61
CA ARG A 22 28.18 18.44 19.30
C ARG A 22 29.54 18.05 19.83
N HIS A 23 29.58 17.36 20.96
CA HIS A 23 30.85 16.95 21.51
C HIS A 23 31.11 15.44 21.40
N PHE A 24 30.39 14.73 20.53
CA PHE A 24 30.69 13.33 20.29
C PHE A 24 31.97 13.22 19.48
N ASP A 25 32.91 12.41 19.95
CA ASP A 25 34.23 12.27 19.34
C ASP A 25 34.25 11.13 18.33
N PHE A 26 34.00 11.48 17.05
CA PHE A 26 33.91 10.47 16.00
C PHE A 26 35.23 9.73 15.85
N ALA A 27 36.34 10.46 15.81
CA ALA A 27 37.62 9.80 15.62
C ALA A 27 37.90 8.83 16.75
N ALA A 28 37.57 9.22 17.98
CA ALA A 28 37.80 8.33 19.12
C ALA A 28 36.91 7.10 19.05
N TYR A 29 35.70 7.24 18.49
CA TYR A 29 34.83 6.09 18.37
C TYR A 29 35.37 5.15 17.31
N PHE A 30 35.70 5.68 16.13
CA PHE A 30 36.21 4.83 15.07
C PHE A 30 37.48 4.12 15.50
N ALA A 31 38.30 4.76 16.34
CA ALA A 31 39.54 4.15 16.79
C ALA A 31 39.30 2.90 17.62
N LYS A 32 38.13 2.76 18.22
CA LYS A 32 37.81 1.59 19.02
C LYS A 32 37.21 0.45 18.21
N VAL A 33 36.74 0.69 16.99
CA VAL A 33 36.06 -0.34 16.22
C VAL A 33 37.05 -1.43 15.81
N THR A 34 36.60 -2.68 15.87
CA THR A 34 37.38 -3.82 15.40
C THR A 34 36.52 -4.68 14.46
N ASP A 35 37.18 -5.61 13.78
CA ASP A 35 36.47 -6.50 12.88
C ASP A 35 35.41 -7.30 13.62
N SER A 36 35.67 -7.70 14.86
CA SER A 36 34.67 -8.47 15.59
CA SER A 36 34.68 -8.46 15.61
CA SER A 36 34.68 -8.47 15.60
C SER A 36 33.38 -7.69 15.75
N ASP A 37 33.49 -6.35 15.89
CA ASP A 37 32.30 -5.51 16.01
C ASP A 37 31.47 -5.57 14.75
N VAL A 38 32.14 -5.49 13.58
CA VAL A 38 31.41 -5.53 12.32
C VAL A 38 30.73 -6.90 12.13
N ARG A 39 31.43 -7.98 12.45
CA ARG A 39 30.81 -9.29 12.31
C ARG A 39 29.61 -9.44 13.24
N ARG A 40 29.74 -8.92 14.47
CA ARG A 40 28.62 -8.98 15.40
C ARG A 40 27.40 -8.25 14.83
N ILE A 41 27.60 -7.04 14.31
CA ILE A 41 26.50 -6.23 13.80
C ILE A 41 25.81 -6.94 12.66
N LEU A 42 26.57 -7.65 11.82
CA LEU A 42 25.96 -8.39 10.70
C LEU A 42 25.10 -9.55 11.15
N ARG A 43 25.27 -10.04 12.38
CA ARG A 43 24.43 -11.09 12.94
C ARG A 43 23.18 -10.55 13.59
N GLN A 44 23.11 -9.25 13.89
CA GLN A 44 21.99 -8.69 14.64
C GLN A 44 20.77 -8.41 13.78
N ASP A 45 19.58 -8.50 14.39
CA ASP A 45 18.35 -8.11 13.70
C ASP A 45 18.14 -6.61 13.79
N ARG A 46 18.38 -6.02 14.95
CA ARG A 46 18.17 -4.60 15.14
C ARG A 46 19.51 -3.94 15.39
N LEU A 47 19.74 -2.80 14.77
CA LEU A 47 20.95 -2.00 14.98
C LEU A 47 20.64 -0.74 15.75
N SER A 48 21.57 -0.37 16.62
CA SER A 48 21.52 0.96 17.20
C SER A 48 22.13 1.99 16.26
N ALA A 49 22.00 3.28 16.61
CA ALA A 49 22.62 4.28 15.74
C ALA A 49 24.15 4.14 15.74
N LEU A 50 24.74 3.76 16.86
CA LEU A 50 26.19 3.60 16.84
C LEU A 50 26.60 2.32 16.14
N ASP A 51 25.75 1.30 16.10
CA ASP A 51 26.05 0.18 15.22
C ASP A 51 26.08 0.61 13.76
N PHE A 52 25.14 1.49 13.37
CA PHE A 52 25.19 2.10 12.06
C PHE A 52 26.50 2.87 11.83
N LEU A 53 26.93 3.65 12.82
CA LEU A 53 28.22 4.32 12.72
C LEU A 53 29.35 3.32 12.50
N THR A 54 29.33 2.19 13.21
CA THR A 54 30.36 1.17 13.00
C THR A 54 30.35 0.66 11.56
N LEU A 55 29.16 0.48 10.97
CA LEU A 55 29.11 0.01 9.58
C LEU A 55 29.57 1.07 8.61
N LEU A 56 29.67 2.35 9.04
CA LEU A 56 30.24 3.40 8.23
C LEU A 56 31.73 3.56 8.43
N SER A 57 32.35 2.70 9.27
CA SER A 57 33.76 2.89 9.61
C SER A 57 34.69 2.42 8.50
N PRO A 58 35.93 2.90 8.49
CA PRO A 58 36.92 2.31 7.57
C PRO A 58 37.07 0.81 7.74
N GLN A 59 37.04 0.34 8.99
CA GLN A 59 37.22 -1.08 9.22
CA GLN A 59 37.19 -1.07 9.28
C GLN A 59 36.15 -1.91 8.53
N ALA A 60 34.94 -1.40 8.45
CA ALA A 60 33.86 -2.14 7.82
C ALA A 60 34.01 -2.24 6.32
N GLU A 61 34.98 -1.54 5.71
CA GLU A 61 35.20 -1.71 4.28
C GLU A 61 35.64 -3.13 3.97
N ALA A 62 36.19 -3.86 4.94
CA ALA A 62 36.55 -5.24 4.70
C ALA A 62 35.35 -6.18 4.62
N TYR A 63 34.15 -5.70 4.95
CA TYR A 63 32.96 -6.55 5.05
C TYR A 63 31.89 -6.10 4.09
N LEU A 64 32.25 -5.33 3.07
CA LEU A 64 31.23 -4.80 2.16
C LEU A 64 30.51 -5.92 1.41
N GLU A 65 31.18 -7.03 1.13
CA GLU A 65 30.46 -8.11 0.43
C GLU A 65 29.38 -8.70 1.34
N GLU A 66 29.73 -8.98 2.58
CA GLU A 66 28.77 -9.54 3.52
C GLU A 66 27.65 -8.56 3.78
N MET A 67 28.00 -7.26 3.84
CA MET A 67 26.97 -6.25 4.02
C MET A 67 26.02 -6.23 2.83
N ALA A 68 26.56 -6.31 1.62
CA ALA A 68 25.73 -6.28 0.41
C ALA A 68 24.84 -7.52 0.35
N GLN A 69 25.34 -8.68 0.73
CA GLN A 69 24.50 -9.89 0.74
C GLN A 69 23.28 -9.70 1.64
N LYS A 70 23.49 -9.19 2.85
CA LYS A 70 22.36 -9.06 3.74
C LYS A 70 21.49 -7.87 3.34
N ALA A 71 22.09 -6.77 2.90
CA ALA A 71 21.31 -5.61 2.51
C ALA A 71 20.35 -5.98 1.39
N HIS A 72 20.83 -6.75 0.42
CA HIS A 72 19.95 -7.18 -0.67
C HIS A 72 18.79 -8.00 -0.12
N ARG A 73 19.07 -8.99 0.73
CA ARG A 73 18.03 -9.83 1.29
CA ARG A 73 18.00 -9.81 1.24
CA ARG A 73 18.03 -9.83 1.30
C ARG A 73 16.98 -8.99 2.02
N LEU A 74 17.43 -8.06 2.85
CA LEU A 74 16.48 -7.23 3.60
C LEU A 74 15.63 -6.39 2.65
N THR A 75 16.24 -5.83 1.61
CA THR A 75 15.49 -4.97 0.70
C THR A 75 14.41 -5.77 0.01
N VAL A 76 14.76 -6.97 -0.49
CA VAL A 76 13.75 -7.78 -1.13
C VAL A 76 12.67 -8.17 -0.14
N GLN A 77 13.03 -8.45 1.11
CA GLN A 77 12.03 -8.84 2.09
C GLN A 77 10.97 -7.76 2.25
N HIS A 78 11.37 -6.49 2.25
CA HIS A 78 10.43 -5.40 2.51
C HIS A 78 9.85 -4.71 1.27
N PHE A 79 10.51 -4.84 0.13
CA PHE A 79 10.10 -4.13 -1.08
C PHE A 79 9.86 -5.05 -2.26
N GLY A 80 10.18 -6.34 -2.14
CA GLY A 80 10.15 -7.26 -3.27
C GLY A 80 11.23 -6.91 -4.28
N ARG A 81 11.24 -7.63 -5.41
CA ARG A 81 12.13 -7.31 -6.52
C ARG A 81 11.43 -6.28 -7.41
N THR A 82 11.32 -5.08 -6.86
CA THR A 82 10.64 -3.97 -7.53
C THR A 82 11.52 -2.74 -7.45
N MET A 83 11.19 -1.71 -8.23
CA MET A 83 11.91 -0.43 -8.15
C MET A 83 10.90 0.66 -8.57
N LEU A 84 10.63 1.60 -7.69
CA LEU A 84 9.72 2.70 -8.00
C LEU A 84 10.43 3.71 -8.86
N LEU A 85 9.80 4.11 -9.96
CA LEU A 85 10.34 5.14 -10.84
C LEU A 85 9.60 6.46 -10.63
N TYR A 86 10.34 7.56 -10.81
CA TYR A 86 9.75 8.90 -10.73
C TYR A 86 10.64 9.83 -11.54
N THR A 87 10.24 11.10 -11.60
CA THR A 87 11.14 12.09 -12.20
C THR A 87 10.88 13.44 -11.54
N PRO A 88 11.85 14.35 -11.59
CA PRO A 88 11.65 15.72 -11.07
C PRO A 88 11.09 16.64 -12.14
N LEU A 89 10.34 17.62 -11.67
CA LEU A 89 9.81 18.69 -12.53
C LEU A 89 10.17 20.02 -11.85
N TYR A 90 11.12 20.74 -12.44
CA TYR A 90 11.48 22.05 -11.90
C TYR A 90 10.51 23.11 -12.43
N LEU A 91 9.78 23.75 -11.53
CA LEU A 91 8.77 24.72 -11.91
C LEU A 91 9.34 26.11 -12.13
N ALA A 92 10.37 26.47 -11.35
CA ALA A 92 10.84 27.83 -11.34
C ALA A 92 12.24 27.83 -10.76
N ASN A 93 13.05 28.79 -11.20
CA ASN A 93 14.43 28.85 -10.72
C ASN A 93 14.80 30.22 -10.15
N TYR A 94 13.83 31.08 -9.86
CA TYR A 94 14.12 32.30 -9.12
C TYR A 94 14.58 31.92 -7.72
N CYS A 95 15.63 32.57 -7.23
CA CYS A 95 16.08 32.25 -5.89
C CYS A 95 16.79 33.43 -5.27
N VAL A 96 16.53 33.61 -3.97
CA VAL A 96 17.17 34.66 -3.18
C VAL A 96 18.35 34.17 -2.36
N ASN A 97 18.61 32.85 -2.36
CA ASN A 97 19.69 32.30 -1.57
C ASN A 97 21.00 32.30 -2.32
N GLN A 98 22.09 32.34 -1.57
CA GLN A 98 23.44 32.28 -2.12
C GLN A 98 24.15 30.97 -1.80
N CYS A 99 23.45 29.83 -1.91
CA CYS A 99 24.08 28.55 -1.65
C CYS A 99 25.28 28.36 -2.57
N VAL A 100 26.45 28.06 -1.99
CA VAL A 100 27.68 28.15 -2.79
C VAL A 100 27.74 27.10 -3.87
N TYR A 101 27.04 25.99 -3.66
CA TYR A 101 27.18 24.77 -4.45
C TYR A 101 26.13 24.65 -5.55
N CYS A 102 25.17 25.56 -5.69
CA CYS A 102 23.97 25.37 -6.51
C CYS A 102 23.98 26.22 -7.79
N GLY A 103 23.54 25.64 -8.90
CA GLY A 103 23.45 26.37 -10.17
C GLY A 103 22.47 27.53 -10.16
N PHE A 104 21.50 27.52 -9.25
CA PHE A 104 20.49 28.59 -9.18
C PHE A 104 20.80 29.65 -8.13
N GLN A 105 21.98 29.62 -7.50
CA GLN A 105 22.28 30.63 -6.50
C GLN A 105 22.11 32.03 -7.08
N LEU A 106 21.72 32.96 -6.19
CA LEU A 106 21.31 34.29 -6.64
C LEU A 106 22.35 34.98 -7.51
N LYS A 107 23.66 34.83 -7.19
CA LYS A 107 24.66 35.59 -7.93
C LYS A 107 24.94 35.02 -9.31
N ASN A 108 24.46 33.82 -9.62
CA ASN A 108 24.66 33.30 -10.96
C ASN A 108 23.79 34.01 -12.00
N LYS A 109 24.31 34.06 -13.21
CA LYS A 109 23.63 34.64 -14.36
C LYS A 109 23.02 33.51 -15.19
N LEU A 110 21.70 33.41 -15.15
CA LEU A 110 21.01 32.51 -16.07
C LEU A 110 19.63 33.10 -16.30
N GLU A 111 18.93 32.57 -17.31
CA GLU A 111 17.59 32.99 -17.62
C GLU A 111 16.68 32.53 -16.48
N ARG A 112 16.25 33.46 -15.65
CA ARG A 112 15.31 33.06 -14.61
C ARG A 112 13.95 32.85 -15.24
N LYS A 113 13.27 31.78 -14.85
CA LYS A 113 12.06 31.33 -15.54
C LYS A 113 11.14 30.73 -14.49
N LYS A 114 9.83 30.91 -14.70
CA LYS A 114 8.82 30.16 -13.99
C LYS A 114 7.86 29.66 -15.05
N LEU A 115 7.46 28.39 -14.94
CA LEU A 115 6.54 27.84 -15.92
C LEU A 115 5.16 28.47 -15.75
N THR A 116 4.52 28.86 -16.86
CA THR A 116 3.09 29.17 -16.76
C THR A 116 2.30 27.92 -16.42
N LEU A 117 1.05 28.09 -16.01
CA LEU A 117 0.26 26.91 -15.67
C LEU A 117 0.01 26.04 -16.89
N ALA A 118 -0.06 26.64 -18.08
CA ALA A 118 -0.19 25.78 -19.28
C ALA A 118 1.09 25.04 -19.58
N GLU A 119 2.26 25.67 -19.32
CA GLU A 119 3.51 24.94 -19.48
C GLU A 119 3.64 23.82 -18.47
N VAL A 120 3.20 24.04 -17.23
CA VAL A 120 3.17 22.96 -16.25
C VAL A 120 2.32 21.82 -16.78
N GLU A 121 1.13 22.14 -17.29
CA GLU A 121 0.22 21.09 -17.77
C GLU A 121 0.83 20.35 -18.95
N GLN A 122 1.47 21.07 -19.88
CA GLN A 122 2.06 20.40 -21.03
C GLN A 122 3.21 19.49 -20.62
N GLU A 123 4.07 19.94 -19.69
CA GLU A 123 5.15 19.08 -19.24
C GLU A 123 4.62 17.93 -18.42
N ALA A 124 3.55 18.14 -17.66
CA ALA A 124 2.91 17.03 -16.94
C ALA A 124 2.42 15.96 -17.90
N GLN A 125 1.78 16.38 -18.99
CA GLN A 125 1.33 15.45 -20.01
C GLN A 125 2.51 14.70 -20.62
N LEU A 126 3.60 15.42 -20.93
CA LEU A 126 4.77 14.77 -21.54
C LEU A 126 5.32 13.69 -20.61
N ILE A 127 5.36 13.98 -19.31
CA ILE A 127 5.89 13.03 -18.33
C ILE A 127 4.91 11.89 -18.11
N ALA A 128 3.62 12.22 -17.95
CA ALA A 128 2.62 11.18 -17.75
C ALA A 128 2.56 10.23 -18.96
N ALA A 129 2.91 10.71 -20.16
CA ALA A 129 2.90 9.88 -21.36
C ALA A 129 3.97 8.78 -21.35
N THR A 130 4.92 8.84 -20.40
CA THR A 130 5.91 7.78 -20.22
C THR A 130 5.45 6.72 -19.24
N GLY A 131 4.32 6.95 -18.56
CA GLY A 131 3.79 6.01 -17.59
C GLY A 131 4.06 6.38 -16.15
N LEU A 132 4.86 7.41 -15.89
CA LEU A 132 5.08 7.80 -14.52
C LEU A 132 3.79 8.25 -13.82
N LYS A 133 3.71 7.90 -12.53
CA LYS A 133 2.61 8.29 -11.66
C LYS A 133 3.06 9.05 -10.41
N HIS A 134 4.36 9.03 -10.11
CA HIS A 134 4.94 9.80 -9.01
C HIS A 134 5.80 10.90 -9.60
N ILE A 135 5.51 12.15 -9.20
CA ILE A 135 6.25 13.32 -9.66
C ILE A 135 6.79 14.05 -8.43
N LEU A 136 7.94 14.68 -8.59
CA LEU A 136 8.55 15.51 -7.53
C LEU A 136 8.72 16.91 -8.12
N ILE A 137 8.14 17.93 -7.48
CA ILE A 137 8.20 19.29 -8.05
C ILE A 137 9.13 20.17 -7.22
N LEU A 138 9.90 21.01 -7.89
CA LEU A 138 10.92 21.83 -7.24
C LEU A 138 10.80 23.29 -7.66
N THR A 139 11.22 24.18 -6.76
CA THR A 139 11.40 25.61 -7.07
C THR A 139 12.64 26.13 -6.37
N GLY A 140 13.13 27.28 -6.81
CA GLY A 140 14.04 28.07 -5.98
C GLY A 140 13.28 28.74 -4.85
N GLU A 141 14.03 29.37 -3.95
CA GLU A 141 13.37 30.09 -2.88
C GLU A 141 13.08 31.51 -3.33
N SER A 142 11.84 31.74 -3.74
CA SER A 142 11.39 33.06 -4.15
C SER A 142 9.90 33.13 -3.86
N ARG A 143 9.56 33.73 -2.74
CA ARG A 143 8.14 33.90 -2.45
CA ARG A 143 8.15 33.93 -2.41
C ARG A 143 7.49 34.96 -3.33
N GLN A 144 8.29 35.78 -4.03
CA GLN A 144 7.69 36.73 -4.97
C GLN A 144 7.30 36.08 -6.29
N HIS A 145 8.10 35.13 -6.77
CA HIS A 145 7.86 34.55 -8.09
C HIS A 145 7.26 33.19 -8.03
N SER A 146 7.61 32.39 -7.01
CA SER A 146 7.05 31.05 -6.84
C SER A 146 6.50 30.89 -5.43
N PRO A 147 5.47 31.66 -5.07
CA PRO A 147 4.88 31.56 -3.74
C PRO A 147 4.08 30.28 -3.59
N VAL A 148 3.70 30.01 -2.33
CA VAL A 148 2.91 28.83 -2.00
C VAL A 148 1.66 28.75 -2.87
N SER A 149 1.04 29.90 -3.17
CA SER A 149 -0.19 29.86 -3.95
C SER A 149 0.07 29.38 -5.37
N TYR A 150 1.22 29.72 -5.95
CA TYR A 150 1.59 29.20 -7.25
C TYR A 150 1.86 27.70 -7.18
N ILE A 151 2.61 27.26 -6.17
CA ILE A 151 2.84 25.82 -6.02
C ILE A 151 1.51 25.08 -5.90
N LYS A 152 0.58 25.63 -5.14
CA LYS A 152 -0.73 25.01 -4.98
C LYS A 152 -1.46 24.92 -6.32
N ASP A 153 -1.41 25.99 -7.12
CA ASP A 153 -2.02 25.95 -8.44
C ASP A 153 -1.38 24.86 -9.32
N CYS A 154 -0.06 24.66 -9.20
CA CYS A 154 0.57 23.59 -9.97
C CYS A 154 0.13 22.23 -9.47
N VAL A 155 0.04 22.05 -8.16
CA VAL A 155 -0.45 20.80 -7.60
C VAL A 155 -1.84 20.47 -8.12
N ASN A 156 -2.70 21.48 -8.24
CA ASN A 156 -4.06 21.19 -8.69
CA ASN A 156 -4.07 21.25 -8.71
C ASN A 156 -4.08 20.69 -10.13
N ILE A 157 -3.17 21.18 -10.97
CA ILE A 157 -3.07 20.63 -12.31
C ILE A 157 -2.46 19.23 -12.29
N LEU A 158 -1.38 19.06 -11.51
CA LEU A 158 -0.64 17.80 -11.56
C LEU A 158 -1.46 16.64 -11.08
N LYS A 159 -2.41 16.85 -10.17
CA LYS A 159 -3.14 15.73 -9.60
C LYS A 159 -4.05 15.09 -10.63
N LYS A 160 -4.29 15.75 -11.78
CA LYS A 160 -5.02 15.11 -12.87
C LYS A 160 -4.21 14.01 -13.53
N TYR A 161 -2.91 14.01 -13.36
CA TYR A 161 -2.00 13.10 -14.07
C TYR A 161 -1.23 12.17 -13.17
N PHE A 162 -0.93 12.60 -11.93
CA PHE A 162 -0.04 11.86 -11.06
C PHE A 162 -0.77 11.50 -9.79
N SER A 163 -0.58 10.25 -9.35
CA SER A 163 -1.23 9.80 -8.14
C SER A 163 -0.45 10.14 -6.89
N SER A 164 0.83 10.51 -7.02
CA SER A 164 1.60 10.95 -5.88
C SER A 164 2.42 12.14 -6.30
N ILE A 165 2.23 13.24 -5.60
CA ILE A 165 2.97 14.46 -5.86
C ILE A 165 3.79 14.81 -4.63
N SER A 166 5.10 14.90 -4.80
CA SER A 166 5.98 15.28 -3.70
C SER A 166 6.50 16.68 -4.01
N ILE A 167 6.87 17.41 -2.95
CA ILE A 167 7.47 18.74 -3.08
C ILE A 167 8.90 18.69 -2.59
N GLU A 168 9.77 19.42 -3.28
CA GLU A 168 11.14 19.70 -2.83
C GLU A 168 11.32 21.20 -3.13
N ILE A 169 10.96 22.00 -2.14
CA ILE A 169 10.85 23.45 -2.27
C ILE A 169 11.47 24.07 -1.03
N TYR A 170 11.39 25.39 -0.91
CA TYR A 170 11.90 26.03 0.29
C TYR A 170 11.14 25.51 1.52
N PRO A 171 11.78 25.53 2.70
CA PRO A 171 11.10 24.99 3.88
C PRO A 171 9.92 25.85 4.29
N LEU A 172 8.88 25.18 4.79
CA LEU A 172 7.61 25.84 5.09
C LEU A 172 7.29 25.74 6.58
N THR A 173 6.32 26.54 7.02
CA THR A 173 5.73 26.33 8.35
C THR A 173 4.83 25.09 8.35
N GLN A 174 4.49 24.62 9.55
CA GLN A 174 3.55 23.51 9.64
C GLN A 174 2.22 23.83 8.94
N GLU A 175 1.71 25.05 9.13
CA GLU A 175 0.44 25.41 8.50
C GLU A 175 0.57 25.44 6.99
N GLU A 176 1.71 25.90 6.47
CA GLU A 176 1.90 25.90 5.02
C GLU A 176 1.98 24.47 4.48
N TYR A 177 2.70 23.57 5.17
CA TYR A 177 2.68 22.16 4.76
C TYR A 177 1.26 21.62 4.75
N ALA A 178 0.47 21.93 5.79
CA ALA A 178 -0.91 21.43 5.87
C ALA A 178 -1.73 21.93 4.69
N GLU A 179 -1.54 23.19 4.32
CA GLU A 179 -2.24 23.76 3.16
C GLU A 179 -1.91 22.98 1.89
N LEU A 180 -0.64 22.69 1.66
CA LEU A 180 -0.27 21.97 0.46
C LEU A 180 -0.72 20.52 0.51
N ILE A 181 -0.68 19.90 1.67
CA ILE A 181 -1.23 18.54 1.79
C ILE A 181 -2.70 18.56 1.44
N GLY A 182 -3.42 19.59 1.91
CA GLY A 182 -4.85 19.71 1.60
C GLY A 182 -5.11 19.87 0.12
N ALA A 183 -4.15 20.42 -0.63
CA ALA A 183 -4.28 20.56 -2.07
C ALA A 183 -3.93 19.29 -2.83
N GLY A 184 -3.32 18.32 -2.15
CA GLY A 184 -2.99 17.08 -2.80
C GLY A 184 -1.55 16.62 -2.68
N VAL A 185 -0.68 17.30 -1.93
CA VAL A 185 0.72 16.87 -1.81
C VAL A 185 0.80 15.66 -0.88
N ASP A 186 1.55 14.63 -1.30
CA ASP A 186 1.70 13.32 -0.70
C ASP A 186 3.00 13.21 0.07
N GLY A 187 4.03 13.90 -0.40
CA GLY A 187 5.37 13.63 0.12
C GLY A 187 6.22 14.88 0.13
N LEU A 188 7.21 14.87 1.01
CA LEU A 188 8.21 15.94 1.13
C LEU A 188 9.60 15.35 0.90
N THR A 189 10.40 15.98 0.06
CA THR A 189 11.84 15.70 0.05
C THR A 189 12.53 16.98 0.46
N ILE A 190 13.41 16.91 1.45
CA ILE A 190 14.20 18.08 1.82
C ILE A 190 15.54 17.61 2.37
N TYR A 191 16.60 18.11 1.78
CA TYR A 191 17.95 17.72 2.16
C TYR A 191 18.51 18.78 3.10
N GLN A 192 19.02 18.35 4.26
CA GLN A 192 19.60 19.31 5.18
C GLN A 192 20.88 19.90 4.65
N GLU A 193 21.49 19.27 3.63
CA GLU A 193 22.71 19.71 2.95
C GLU A 193 23.90 19.35 3.82
N VAL A 194 24.04 19.99 4.97
CA VAL A 194 25.13 19.65 5.89
C VAL A 194 24.62 19.76 7.32
N TYR A 195 24.93 18.75 8.12
CA TYR A 195 24.45 18.72 9.48
C TYR A 195 25.38 19.42 10.45
N ASN A 196 26.66 19.55 10.11
CA ASN A 196 27.55 20.35 10.95
C ASN A 196 27.15 21.82 10.84
N GLU A 197 26.86 22.46 11.98
CA GLU A 197 26.27 23.80 11.95
CA GLU A 197 26.26 23.79 11.92
C GLU A 197 27.25 24.84 11.44
N GLU A 198 28.53 24.70 11.81
CA GLU A 198 29.53 25.66 11.37
C GLU A 198 29.72 25.57 9.86
N VAL A 199 29.84 24.33 9.33
CA VAL A 199 30.00 24.21 7.88
C VAL A 199 28.73 24.65 7.16
N TYR A 200 27.56 24.39 7.74
CA TYR A 200 26.32 24.87 7.11
C TYR A 200 26.35 26.39 6.94
N ALA A 201 26.79 27.11 7.98
CA ALA A 201 26.84 28.57 7.87
C ALA A 201 27.79 28.99 6.76
N GLU A 202 28.89 28.27 6.61
CA GLU A 202 29.86 28.55 5.55
C GLU A 202 29.27 28.33 4.14
N MET A 203 28.45 27.30 3.98
CA MET A 203 27.90 26.95 2.67
C MET A 203 26.71 27.81 2.29
N HIS A 204 26.12 28.52 3.25
CA HIS A 204 24.87 29.27 3.03
C HIS A 204 25.09 30.68 3.53
N PRO A 205 25.90 31.45 2.81
CA PRO A 205 26.28 32.78 3.30
C PRO A 205 25.16 33.81 3.26
N ALA A 206 24.07 33.57 2.54
CA ALA A 206 23.06 34.62 2.47
C ALA A 206 21.72 34.01 2.12
N GLY A 207 20.68 34.66 2.60
CA GLY A 207 19.33 34.30 2.28
C GLY A 207 18.67 33.59 3.42
N PRO A 208 17.37 33.35 3.28
CA PRO A 208 16.62 32.66 4.32
C PRO A 208 17.17 31.27 4.62
N LYS A 209 17.84 30.61 3.67
CA LYS A 209 18.40 29.28 3.90
C LYS A 209 19.59 29.30 4.89
N ARG A 210 20.10 30.48 5.21
CA ARG A 210 21.09 30.55 6.27
C ARG A 210 20.53 30.10 7.63
N ASN A 211 19.21 30.04 7.79
CA ASN A 211 18.60 29.64 9.07
C ASN A 211 18.64 28.11 9.20
N TYR A 212 19.68 27.60 9.86
CA TYR A 212 19.96 26.17 9.96
C TYR A 212 18.80 25.44 10.65
N ARG A 213 18.37 25.95 11.80
CA ARG A 213 17.39 25.22 12.58
C ARG A 213 16.03 25.18 11.91
N PHE A 214 15.62 26.28 11.27
CA PHE A 214 14.33 26.25 10.56
C PHE A 214 14.35 25.15 9.51
N ARG A 215 15.47 25.01 8.81
CA ARG A 215 15.54 23.95 7.81
C ARG A 215 15.60 22.57 8.46
N LEU A 216 16.43 22.43 9.50
CA LEU A 216 16.58 21.14 10.19
C LEU A 216 15.24 20.58 10.64
N GLU A 217 14.35 21.46 11.13
CA GLU A 217 13.07 21.09 11.71
C GLU A 217 11.96 20.98 10.68
N ALA A 218 12.27 21.27 9.43
CA ALA A 218 11.21 21.21 8.41
C ALA A 218 10.61 19.81 8.26
N PRO A 219 11.37 18.71 8.25
CA PRO A 219 10.70 17.40 8.15
C PRO A 219 9.73 17.14 9.27
N GLU A 220 10.11 17.51 10.51
CA GLU A 220 9.18 17.36 11.62
C GLU A 220 7.91 18.18 11.42
N ARG A 221 8.04 19.43 10.98
CA ARG A 221 6.85 20.25 10.81
C ARG A 221 5.92 19.63 9.77
N ALA A 222 6.49 19.11 8.70
CA ALA A 222 5.68 18.47 7.66
C ALA A 222 5.05 17.19 8.19
N CYS A 223 5.79 16.38 8.95
CA CYS A 223 5.17 15.18 9.54
C CYS A 223 4.08 15.55 10.53
N GLN A 224 4.28 16.63 11.29
CA GLN A 224 3.25 17.07 12.23
C GLN A 224 2.00 17.50 11.51
N ALA A 225 2.16 18.06 10.30
CA ALA A 225 1.04 18.45 9.48
C ALA A 225 0.36 17.27 8.80
N GLY A 226 0.91 16.08 8.90
CA GLY A 226 0.30 14.89 8.31
C GLY A 226 0.93 14.39 7.02
N MET A 227 2.10 14.86 6.63
CA MET A 227 2.76 14.39 5.42
C MET A 227 2.93 12.86 5.45
N ARG A 228 2.54 12.19 4.36
CA ARG A 228 2.57 10.72 4.33
C ARG A 228 3.98 10.15 4.26
N THR A 229 4.86 10.79 3.51
CA THR A 229 6.20 10.29 3.23
C THR A 229 7.15 11.47 3.34
N VAL A 230 8.35 11.18 3.80
CA VAL A 230 9.39 12.19 3.92
CA VAL A 230 9.38 12.20 3.90
C VAL A 230 10.72 11.58 3.52
N ASN A 231 11.48 12.28 2.69
CA ASN A 231 12.78 11.83 2.17
C ASN A 231 13.80 12.90 2.48
N ILE A 232 14.85 12.51 3.19
CA ILE A 232 15.87 13.44 3.69
C ILE A 232 17.25 13.09 3.12
N GLY A 233 18.28 13.80 3.52
CA GLY A 233 19.63 13.49 3.11
C GLY A 233 20.60 14.66 3.19
N ALA A 234 21.83 14.35 3.59
CA ALA A 234 22.94 15.28 3.46
C ALA A 234 23.44 15.32 2.03
N LEU A 235 23.95 16.47 1.61
CA LEU A 235 24.54 16.59 0.28
C LEU A 235 26.01 16.18 0.35
N LEU A 236 26.33 15.01 -0.17
CA LEU A 236 27.65 14.43 0.02
C LEU A 236 28.65 15.22 -0.79
N GLY A 237 29.69 15.71 -0.13
CA GLY A 237 30.64 16.60 -0.75
C GLY A 237 30.77 17.91 0.00
N LEU A 238 29.86 18.22 0.90
CA LEU A 238 29.99 19.44 1.69
C LEU A 238 30.81 19.28 2.96
N ASN A 239 30.89 18.09 3.54
CA ASN A 239 31.55 17.92 4.84
C ASN A 239 31.83 16.44 5.06
N ASP A 240 32.79 16.18 5.97
CA ASP A 240 33.17 14.84 6.49
C ASP A 240 32.09 13.81 6.20
N TRP A 241 32.33 12.93 5.23
CA TRP A 241 31.22 12.17 4.68
C TRP A 241 30.66 11.14 5.66
N ARG A 242 31.52 10.50 6.44
CA ARG A 242 31.01 9.48 7.35
C ARG A 242 30.14 10.10 8.41
N GLN A 243 30.53 11.29 8.91
CA GLN A 243 29.70 11.98 9.89
C GLN A 243 28.39 12.43 9.29
N GLU A 244 28.41 12.92 8.05
CA GLU A 244 27.20 13.41 7.41
C GLU A 244 26.24 12.28 7.08
N ALA A 245 26.76 11.14 6.63
CA ALA A 245 25.96 9.94 6.46
C ALA A 245 25.37 9.51 7.79
N PHE A 246 26.20 9.51 8.85
CA PHE A 246 25.71 9.14 10.17
C PHE A 246 24.54 10.03 10.59
N PHE A 247 24.73 11.35 10.48
CA PHE A 247 23.65 12.23 10.92
C PHE A 247 22.39 12.10 10.07
N THR A 248 22.52 11.79 8.78
CA THR A 248 21.33 11.55 7.98
C THR A 248 20.58 10.36 8.53
N GLY A 249 21.30 9.24 8.78
CA GLY A 249 20.62 8.07 9.33
C GLY A 249 20.04 8.34 10.70
N LEU A 250 20.79 9.06 11.54
CA LEU A 250 20.29 9.40 12.87
C LEU A 250 19.00 10.21 12.75
N HIS A 251 18.97 11.15 11.81
CA HIS A 251 17.77 11.97 11.57
C HIS A 251 16.62 11.11 11.07
N ALA A 252 16.88 10.20 10.13
CA ALA A 252 15.82 9.32 9.63
C ALA A 252 15.23 8.48 10.75
N ASP A 253 16.11 7.92 11.61
CA ASP A 253 15.64 7.12 12.74
C ASP A 253 14.84 7.96 13.71
N TYR A 254 15.29 9.18 13.99
CA TYR A 254 14.55 10.08 14.86
C TYR A 254 13.15 10.32 14.31
N LEU A 255 13.06 10.67 13.03
CA LEU A 255 11.76 10.92 12.40
C LEU A 255 10.88 9.70 12.49
N GLN A 256 11.44 8.54 12.19
CA GLN A 256 10.63 7.33 12.19
C GLN A 256 10.11 7.00 13.58
N ARG A 257 10.91 7.28 14.62
CA ARG A 257 10.46 7.02 15.99
C ARG A 257 9.45 8.08 16.45
N ARG A 258 9.62 9.33 16.01
CA ARG A 258 8.68 10.37 16.41
C ARG A 258 7.36 10.22 15.70
N PHE A 259 7.39 9.64 14.49
CA PHE A 259 6.23 9.52 13.60
C PHE A 259 6.17 8.09 13.09
N PRO A 260 5.74 7.15 13.93
CA PRO A 260 5.86 5.71 13.56
C PRO A 260 5.17 5.33 12.28
N ASP A 261 4.18 6.09 11.83
CA ASP A 261 3.40 5.75 10.64
C ASP A 261 3.83 6.49 9.38
N VAL A 262 4.79 7.41 9.46
CA VAL A 262 5.29 8.08 8.26
C VAL A 262 6.28 7.15 7.58
N GLU A 263 6.28 7.17 6.26
CA GLU A 263 7.30 6.44 5.52
C GLU A 263 8.51 7.33 5.33
N VAL A 264 9.60 6.97 5.99
CA VAL A 264 10.83 7.76 5.95
C VAL A 264 11.80 7.13 4.97
N SER A 265 12.44 7.96 4.15
CA SER A 265 13.47 7.48 3.23
CA SER A 265 13.44 7.53 3.16
C SER A 265 14.63 8.46 3.25
N ILE A 266 15.76 8.00 2.71
CA ILE A 266 16.92 8.86 2.52
C ILE A 266 17.37 8.82 1.08
N SER A 267 18.08 9.87 0.71
CA SER A 267 18.83 9.97 -0.53
C SER A 267 20.29 10.21 -0.17
N PRO A 268 21.22 9.69 -0.97
CA PRO A 268 22.67 10.00 -0.79
C PRO A 268 23.17 10.79 -2.00
N PRO A 269 22.68 12.03 -2.19
CA PRO A 269 23.07 12.79 -3.40
C PRO A 269 24.50 13.26 -3.30
N ARG A 270 25.26 13.05 -4.37
CA ARG A 270 26.62 13.57 -4.49
C ARG A 270 26.65 14.83 -5.33
N MET A 271 27.55 15.74 -4.96
CA MET A 271 27.73 16.98 -5.69
CA MET A 271 27.71 16.98 -5.69
C MET A 271 28.16 16.73 -7.11
N ARG A 272 27.57 17.51 -8.00
CA ARG A 272 27.83 17.42 -9.42
C ARG A 272 28.28 18.78 -9.96
N PRO A 273 28.91 18.78 -11.13
CA PRO A 273 29.25 20.03 -11.80
C PRO A 273 28.01 20.91 -11.92
N HIS A 274 28.20 22.22 -11.85
CA HIS A 274 27.07 23.15 -11.87
C HIS A 274 27.59 24.53 -12.21
N LEU A 275 26.70 25.35 -12.73
CA LEU A 275 26.99 26.76 -12.98
C LEU A 275 27.48 27.42 -11.69
N GLY A 276 28.61 28.08 -11.78
CA GLY A 276 29.19 28.67 -10.56
C GLY A 276 30.50 28.03 -10.19
N GLY A 277 30.62 26.72 -10.41
CA GLY A 277 31.89 26.04 -10.37
C GLY A 277 32.48 25.77 -8.99
N PHE A 278 31.75 25.96 -7.91
CA PHE A 278 32.29 25.65 -6.58
C PHE A 278 32.64 24.16 -6.53
N PRO A 279 33.87 23.81 -6.17
CA PRO A 279 34.26 22.39 -6.15
C PRO A 279 33.88 21.77 -4.82
N PRO A 280 33.64 20.48 -4.78
CA PRO A 280 33.22 19.86 -3.52
C PRO A 280 34.25 20.09 -2.45
N ARG A 281 33.75 20.44 -1.28
CA ARG A 281 34.60 20.67 -0.14
C ARG A 281 35.24 19.37 0.32
N VAL A 282 34.54 18.24 0.12
CA VAL A 282 35.10 16.92 0.42
CA VAL A 282 35.10 16.92 0.42
C VAL A 282 34.85 15.95 -0.73
N VAL A 283 35.75 15.01 -0.90
CA VAL A 283 35.68 14.00 -1.95
C VAL A 283 34.98 12.73 -1.43
N VAL A 284 34.00 12.20 -2.18
CA VAL A 284 33.26 11.01 -1.77
C VAL A 284 33.32 10.01 -2.92
N SER A 285 33.89 8.84 -2.69
CA SER A 285 34.13 7.85 -3.74
C SER A 285 32.87 7.02 -4.01
N ASP A 286 32.92 6.25 -5.10
CA ASP A 286 31.84 5.30 -5.38
C ASP A 286 31.73 4.26 -4.26
N GLN A 287 32.87 3.78 -3.74
CA GLN A 287 32.82 2.82 -2.65
C GLN A 287 32.26 3.45 -1.37
N ASN A 288 32.57 4.72 -1.12
CA ASN A 288 31.97 5.38 0.03
C ASN A 288 30.45 5.41 -0.09
N LEU A 289 29.96 5.75 -1.30
CA LEU A 289 28.52 5.81 -1.53
C LEU A 289 27.88 4.45 -1.30
N VAL A 290 28.51 3.40 -1.84
CA VAL A 290 27.96 2.06 -1.64
C VAL A 290 27.94 1.70 -0.15
N GLN A 291 29.05 1.95 0.55
CA GLN A 291 29.11 1.63 1.99
C GLN A 291 27.98 2.32 2.74
N TYR A 292 27.73 3.60 2.42
CA TYR A 292 26.63 4.33 3.05
C TYR A 292 25.29 3.65 2.79
N VAL A 293 24.98 3.36 1.53
CA VAL A 293 23.69 2.74 1.22
C VAL A 293 23.54 1.42 1.96
N LEU A 294 24.58 0.58 1.94
CA LEU A 294 24.52 -0.71 2.61
C LEU A 294 24.32 -0.54 4.11
N ALA A 295 25.11 0.34 4.73
CA ALA A 295 25.02 0.54 6.18
C ALA A 295 23.63 1.03 6.54
N PHE A 296 23.09 1.95 5.75
CA PHE A 296 21.78 2.49 6.06
C PHE A 296 20.69 1.43 5.91
N ARG A 297 20.75 0.62 4.84
CA ARG A 297 19.76 -0.46 4.70
C ARG A 297 19.78 -1.38 5.91
N LEU A 298 21.00 -1.72 6.41
CA LEU A 298 21.05 -2.62 7.57
CA LEU A 298 21.07 -2.62 7.57
C LEU A 298 20.54 -1.95 8.83
N PHE A 299 20.67 -0.62 8.93
CA PHE A 299 20.18 0.13 10.10
C PHE A 299 18.66 0.29 10.08
N MET A 300 18.11 0.60 8.91
CA MET A 300 16.66 0.81 8.76
CA MET A 300 16.68 0.85 8.74
C MET A 300 16.15 -0.01 7.60
N PRO A 301 15.88 -1.29 7.85
CA PRO A 301 15.52 -2.20 6.76
C PRO A 301 14.29 -1.81 5.97
N ARG A 302 13.36 -1.11 6.55
CA ARG A 302 12.10 -0.78 5.88
C ARG A 302 12.09 0.60 5.28
N SER A 303 13.17 1.36 5.38
CA SER A 303 13.18 2.74 4.86
C SER A 303 13.59 2.78 3.39
N GLY A 304 12.94 3.61 2.62
CA GLY A 304 13.34 3.74 1.23
C GLY A 304 14.72 4.36 1.06
N ILE A 305 15.37 4.04 -0.05
CA ILE A 305 16.63 4.66 -0.45
C ILE A 305 16.47 5.10 -1.91
N THR A 306 16.62 6.40 -2.14
CA THR A 306 16.33 7.01 -3.44
C THR A 306 17.64 7.29 -4.14
N LEU A 307 17.79 6.88 -5.42
CA LEU A 307 19.02 7.13 -6.18
C LEU A 307 18.68 7.93 -7.44
N SER A 308 19.30 9.10 -7.57
CA SER A 308 18.98 10.04 -8.64
C SER A 308 19.95 9.87 -9.80
N THR A 309 19.70 10.67 -10.84
CA THR A 309 20.57 10.68 -12.02
C THR A 309 21.86 11.43 -11.84
N ARG A 310 22.15 11.91 -10.63
CA ARG A 310 23.51 12.35 -10.34
CA ARG A 310 23.50 12.35 -10.31
C ARG A 310 24.52 11.24 -10.54
N GLU A 311 24.10 9.98 -10.37
CA GLU A 311 24.98 8.82 -10.53
C GLU A 311 24.95 8.31 -11.97
N ASN A 312 26.10 7.85 -12.47
CA ASN A 312 26.13 7.38 -13.85
C ASN A 312 25.39 6.05 -14.00
N GLY A 313 25.04 5.76 -15.24
CA GLY A 313 24.21 4.58 -15.50
C GLY A 313 24.84 3.28 -15.02
N ARG A 314 26.16 3.12 -15.20
CA ARG A 314 26.80 1.86 -14.79
C ARG A 314 26.70 1.68 -13.28
N LEU A 315 26.95 2.73 -12.51
CA LEU A 315 26.84 2.60 -11.07
C LEU A 315 25.40 2.40 -10.62
N ARG A 316 24.44 3.12 -11.24
CA ARG A 316 23.06 2.87 -10.87
C ARG A 316 22.66 1.42 -11.20
N ASP A 317 23.11 0.89 -12.34
CA ASP A 317 22.78 -0.51 -12.64
C ASP A 317 23.34 -1.42 -11.56
N ALA A 318 24.56 -1.13 -11.07
CA ALA A 318 25.18 -1.98 -10.04
C ALA A 318 24.46 -1.87 -8.70
N MET A 319 23.82 -0.74 -8.44
CA MET A 319 23.16 -0.52 -7.16
CA MET A 319 23.15 -0.49 -7.17
C MET A 319 21.73 -1.00 -7.11
N VAL A 320 21.16 -1.45 -8.24
CA VAL A 320 19.79 -1.95 -8.27
C VAL A 320 19.53 -2.99 -7.20
N ARG A 321 20.49 -3.87 -6.93
CA ARG A 321 20.31 -4.95 -5.98
CA ARG A 321 20.25 -4.93 -5.97
CA ARG A 321 20.26 -4.93 -5.96
C ARG A 321 20.81 -4.62 -4.58
N LEU A 322 21.36 -3.43 -4.35
CA LEU A 322 22.12 -3.16 -3.13
C LEU A 322 21.34 -2.36 -2.08
N GLY A 323 20.08 -2.10 -2.28
CA GLY A 323 19.26 -1.45 -1.26
C GLY A 323 18.44 -0.27 -1.80
N VAL A 324 18.73 0.18 -3.02
CA VAL A 324 17.94 1.24 -3.63
C VAL A 324 16.53 0.77 -3.90
N THR A 325 15.57 1.63 -3.61
CA THR A 325 14.15 1.29 -3.80
C THR A 325 13.42 2.26 -4.70
N LYS A 326 14.02 3.41 -5.01
CA LYS A 326 13.37 4.44 -5.84
C LYS A 326 14.43 5.03 -6.72
N MET A 327 14.18 5.12 -8.03
CA MET A 327 15.13 5.66 -8.99
C MET A 327 14.44 6.69 -9.86
N SER A 328 15.11 7.80 -10.11
CA SER A 328 14.57 8.70 -11.11
C SER A 328 14.99 8.26 -12.49
N ALA A 329 14.23 8.72 -13.50
CA ALA A 329 14.60 8.47 -14.88
C ALA A 329 14.02 9.57 -15.74
N GLY A 330 14.63 9.79 -16.91
CA GLY A 330 14.15 10.87 -17.78
C GLY A 330 14.25 12.24 -17.11
N SER A 331 15.23 12.43 -16.23
CA SER A 331 15.29 13.64 -15.43
CA SER A 331 15.27 13.64 -15.43
C SER A 331 15.72 14.85 -16.25
N CYS A 332 15.34 16.04 -15.76
CA CYS A 332 15.87 17.27 -16.29
C CYS A 332 15.93 18.25 -15.13
N THR A 333 17.07 18.91 -14.94
CA THR A 333 17.25 19.83 -13.81
C THR A 333 17.10 21.30 -14.22
N ALA A 334 16.62 21.58 -15.42
CA ALA A 334 16.41 22.94 -15.88
C ALA A 334 14.93 23.18 -16.05
N VAL A 335 14.51 24.41 -15.75
CA VAL A 335 13.12 24.82 -15.94
C VAL A 335 12.82 24.88 -17.42
N GLY A 336 11.91 24.00 -17.85
CA GLY A 336 11.57 23.90 -19.25
C GLY A 336 12.59 23.19 -20.09
N GLY A 337 13.59 22.56 -19.48
CA GLY A 337 14.64 21.92 -20.25
C GLY A 337 14.22 20.72 -21.07
N ARG A 338 13.10 20.08 -20.69
CA ARG A 338 12.61 18.99 -21.53
C ARG A 338 12.25 19.42 -22.93
N SER A 339 12.01 20.70 -23.17
CA SER A 339 11.76 21.22 -24.51
C SER A 339 12.77 22.29 -24.92
N ASP A 340 13.85 22.45 -24.17
CA ASP A 340 14.86 23.47 -24.52
C ASP A 340 16.20 22.93 -24.01
N GLN A 341 16.93 22.27 -24.91
CA GLN A 341 18.17 21.59 -24.52
C GLN A 341 19.23 22.56 -24.04
N GLU A 342 19.11 23.84 -24.36
CA GLU A 342 20.09 24.82 -23.93
C GLU A 342 19.78 25.45 -22.57
N ALA A 343 18.64 25.13 -21.97
CA ALA A 343 18.31 25.68 -20.65
C ALA A 343 19.29 25.15 -19.60
N VAL A 344 19.70 26.01 -18.68
CA VAL A 344 20.70 25.66 -17.69
C VAL A 344 20.06 25.01 -16.47
N GLY A 345 20.62 23.90 -16.06
CA GLY A 345 20.06 23.15 -14.95
C GLY A 345 20.67 23.53 -13.62
N GLN A 346 20.03 23.02 -12.56
CA GLN A 346 20.53 23.26 -11.21
C GLN A 346 21.93 22.69 -11.04
N PHE A 347 22.17 21.55 -11.70
CA PHE A 347 23.45 20.88 -11.74
C PHE A 347 23.37 19.88 -12.90
N GLN A 348 24.52 19.31 -13.26
CA GLN A 348 24.66 18.44 -14.42
C GLN A 348 24.29 17.02 -14.05
N ILE A 349 23.33 16.45 -14.75
CA ILE A 349 23.03 15.04 -14.47
C ILE A 349 24.04 14.15 -15.17
N SER A 350 24.13 12.91 -14.69
CA SER A 350 24.99 11.91 -15.31
C SER A 350 24.22 10.87 -16.11
N ASP A 351 23.27 10.20 -15.48
CA ASP A 351 22.50 9.12 -16.15
C ASP A 351 21.37 9.77 -16.94
N GLU A 352 21.53 9.86 -18.26
CA GLU A 352 20.57 10.51 -19.14
C GLU A 352 19.52 9.54 -19.66
N ARG A 353 19.42 8.32 -19.12
CA ARG A 353 18.47 7.37 -19.67
C ARG A 353 17.03 7.81 -19.44
N THR A 354 16.19 7.47 -20.41
CA THR A 354 14.76 7.74 -20.32
C THR A 354 14.08 6.77 -19.34
N VAL A 355 12.82 7.07 -19.03
CA VAL A 355 12.01 6.16 -18.24
C VAL A 355 12.00 4.77 -18.88
N ALA A 356 11.74 4.69 -20.19
CA ALA A 356 11.64 3.38 -20.82
C ALA A 356 12.98 2.67 -20.77
N GLU A 357 14.09 3.40 -20.91
CA GLU A 357 15.40 2.73 -20.85
C GLU A 357 15.70 2.19 -19.45
N VAL A 358 15.39 2.96 -18.41
CA VAL A 358 15.62 2.47 -17.05
C VAL A 358 14.68 1.30 -16.74
N ALA A 359 13.40 1.40 -17.14
CA ALA A 359 12.49 0.29 -16.92
C ALA A 359 12.96 -0.98 -17.61
N ALA A 360 13.43 -0.88 -18.88
CA ALA A 360 13.93 -2.06 -19.60
C ALA A 360 15.14 -2.67 -18.91
N MET A 361 16.02 -1.82 -18.39
CA MET A 361 17.18 -2.31 -17.63
C MET A 361 16.72 -3.08 -16.39
N LEU A 362 15.71 -2.55 -15.71
CA LEU A 362 15.24 -3.21 -14.49
C LEU A 362 14.67 -4.58 -14.79
N TYR A 363 13.80 -4.67 -15.81
CA TYR A 363 13.24 -5.97 -16.17
C TYR A 363 14.35 -6.96 -16.47
N ALA A 364 15.42 -6.52 -17.14
CA ALA A 364 16.49 -7.47 -17.49
C ALA A 364 17.29 -7.94 -16.28
N GLN A 365 17.26 -7.19 -15.19
CA GLN A 365 17.87 -7.62 -13.92
C GLN A 365 16.91 -8.41 -13.07
N GLY A 366 15.74 -8.76 -13.59
CA GLY A 366 14.77 -9.49 -12.79
C GLY A 366 13.97 -8.64 -11.84
N TYR A 367 13.96 -7.33 -12.04
CA TYR A 367 13.26 -6.39 -11.17
C TYR A 367 12.05 -5.82 -11.92
N GLN A 368 10.93 -5.70 -11.23
CA GLN A 368 9.75 -5.11 -11.83
C GLN A 368 9.79 -3.60 -11.61
N PRO A 369 9.90 -2.76 -12.64
CA PRO A 369 9.64 -1.33 -12.44
C PRO A 369 8.21 -1.16 -12.02
N VAL A 370 8.00 -0.34 -10.97
CA VAL A 370 6.65 -0.01 -10.52
C VAL A 370 6.50 1.50 -10.54
N TYR A 371 5.25 1.92 -10.69
CA TYR A 371 4.93 3.33 -10.88
C TYR A 371 4.15 3.90 -9.72
N LYS A 372 3.61 3.05 -8.85
CA LYS A 372 2.96 3.49 -7.62
C LYS A 372 3.66 2.82 -6.45
N ASP A 373 3.94 3.59 -5.42
CA ASP A 373 4.78 3.08 -4.36
C ASP A 373 4.17 1.88 -3.65
N TRP A 374 2.86 1.77 -3.63
CA TRP A 374 2.20 0.68 -2.92
C TRP A 374 2.42 -0.65 -3.60
N GLN A 375 2.91 -0.66 -4.84
CA GLN A 375 3.19 -1.91 -5.54
C GLN A 375 4.53 -2.48 -5.18
N ALA A 376 5.30 -1.83 -4.32
CA ALA A 376 6.61 -2.35 -3.90
C ALA A 376 6.42 -3.18 -2.63
N LEU A 377 6.28 -4.48 -2.79
CA LEU A 377 6.25 -5.35 -1.63
C LEU A 377 6.59 -6.76 -2.05
N SER B 11 8.19 -15.28 4.20
CA SER B 11 7.58 -16.31 3.36
C SER B 11 7.17 -15.74 2.01
N GLY B 12 7.06 -14.41 1.95
CA GLY B 12 6.53 -13.76 0.76
C GLY B 12 5.06 -14.02 0.52
N THR B 13 4.29 -14.24 1.58
CA THR B 13 2.85 -14.40 1.52
C THR B 13 2.23 -13.53 2.58
N PHE B 14 0.90 -13.55 2.64
CA PHE B 14 0.20 -12.76 3.63
C PHE B 14 0.48 -13.31 5.02
N TYR B 15 0.99 -14.54 5.14
CA TYR B 15 1.35 -15.02 6.46
C TYR B 15 2.39 -14.11 7.09
N ASP B 16 3.24 -13.46 6.28
CA ASP B 16 4.24 -12.54 6.82
C ASP B 16 3.59 -11.39 7.56
N VAL B 17 2.47 -10.91 7.05
CA VAL B 17 1.73 -9.83 7.72
C VAL B 17 1.11 -10.32 9.02
N ILE B 18 0.55 -11.52 9.03
CA ILE B 18 0.04 -12.12 10.25
C ILE B 18 1.15 -12.18 11.29
N GLU B 19 2.34 -12.61 10.89
CA GLU B 19 3.44 -12.64 11.85
C GLU B 19 3.81 -11.24 12.34
N ASP B 20 3.78 -10.24 11.44
CA ASP B 20 4.19 -8.89 11.84
CA ASP B 20 4.18 -8.89 11.83
C ASP B 20 3.26 -8.31 12.90
N TYR B 21 1.97 -8.64 12.84
CA TYR B 21 0.99 -8.13 13.80
C TYR B 21 0.69 -9.10 14.93
N ARG B 22 1.45 -10.20 15.01
CA ARG B 22 1.14 -11.26 15.97
CA ARG B 22 1.13 -11.26 15.98
C ARG B 22 1.02 -10.72 17.39
N HIS B 23 1.86 -9.75 17.75
CA HIS B 23 1.89 -9.23 19.11
C HIS B 23 1.34 -7.82 19.23
N PHE B 24 0.60 -7.35 18.25
CA PHE B 24 0.03 -6.01 18.31
C PHE B 24 -0.98 -5.91 19.45
N ASP B 25 -0.87 -4.86 20.27
CA ASP B 25 -1.75 -4.66 21.42
C ASP B 25 -2.88 -3.75 20.99
N PHE B 26 -4.02 -4.35 20.61
CA PHE B 26 -5.13 -3.56 20.13
C PHE B 26 -5.76 -2.73 21.24
N ALA B 27 -5.90 -3.30 22.45
CA ALA B 27 -6.53 -2.53 23.52
C ALA B 27 -5.73 -1.27 23.79
N ALA B 28 -4.41 -1.40 23.83
CA ALA B 28 -3.57 -0.23 24.09
C ALA B 28 -3.68 0.78 22.97
N TYR B 29 -3.75 0.30 21.72
CA TYR B 29 -3.89 1.22 20.61
C TYR B 29 -5.21 1.96 20.68
N PHE B 30 -6.31 1.24 20.88
CA PHE B 30 -7.62 1.89 20.89
C PHE B 30 -7.73 2.91 22.02
N ALA B 31 -7.12 2.61 23.17
CA ALA B 31 -7.24 3.50 24.32
C ALA B 31 -6.59 4.86 24.07
N LYS B 32 -5.68 4.96 23.10
CA LYS B 32 -4.96 6.17 22.79
C LYS B 32 -5.49 6.95 21.59
N VAL B 33 -6.50 6.44 20.86
CA VAL B 33 -7.09 7.19 19.75
C VAL B 33 -7.81 8.43 20.27
N THR B 34 -7.61 9.56 19.59
CA THR B 34 -8.24 10.83 19.92
C THR B 34 -9.21 11.25 18.84
N ASP B 35 -10.08 12.22 19.17
CA ASP B 35 -10.95 12.78 18.14
C ASP B 35 -10.13 13.42 17.03
N SER B 36 -9.03 14.06 17.39
CA SER B 36 -8.19 14.71 16.39
C SER B 36 -7.64 13.71 15.39
N ASP B 37 -7.24 12.52 15.87
CA ASP B 37 -6.81 11.47 14.96
C ASP B 37 -7.85 11.17 13.91
N VAL B 38 -9.12 11.03 14.34
CA VAL B 38 -10.18 10.63 13.43
C VAL B 38 -10.48 11.76 12.44
N ARG B 39 -10.59 12.99 12.95
CA ARG B 39 -10.87 14.11 12.05
C ARG B 39 -9.81 14.24 10.98
N ARG B 40 -8.54 14.06 11.36
CA ARG B 40 -7.47 14.19 10.38
C ARG B 40 -7.62 13.17 9.27
N ILE B 41 -7.92 11.93 9.65
CA ILE B 41 -8.03 10.85 8.67
C ILE B 41 -9.13 11.14 7.68
N LEU B 42 -10.23 11.74 8.15
CA LEU B 42 -11.35 12.00 7.26
C LEU B 42 -11.01 13.02 6.18
N ARG B 43 -9.96 13.81 6.39
CA ARG B 43 -9.49 14.75 5.36
C ARG B 43 -8.46 14.14 4.41
N GLN B 44 -7.97 12.95 4.71
CA GLN B 44 -6.88 12.40 3.89
C GLN B 44 -7.43 11.78 2.62
N ASP B 45 -6.59 11.78 1.58
CA ASP B 45 -6.94 11.05 0.35
C ASP B 45 -6.57 9.58 0.43
N ARG B 46 -5.48 9.25 1.10
CA ARG B 46 -4.99 7.89 1.21
C ARG B 46 -4.87 7.57 2.69
N LEU B 47 -5.25 6.36 3.09
CA LEU B 47 -5.13 5.89 4.47
C LEU B 47 -4.07 4.81 4.58
N SER B 48 -3.33 4.85 5.67
CA SER B 48 -2.47 3.75 6.03
C SER B 48 -3.29 2.65 6.71
N ALA B 49 -2.64 1.50 6.94
CA ALA B 49 -3.30 0.42 7.68
C ALA B 49 -3.72 0.88 9.08
N LEU B 50 -2.86 1.60 9.77
CA LEU B 50 -3.24 2.08 11.11
C LEU B 50 -4.29 3.16 11.04
N ASP B 51 -4.37 3.92 9.94
CA ASP B 51 -5.50 4.84 9.79
C ASP B 51 -6.82 4.08 9.69
N PHE B 52 -6.82 2.98 8.93
CA PHE B 52 -7.99 2.08 8.90
C PHE B 52 -8.31 1.55 10.29
N LEU B 53 -7.29 1.12 11.04
CA LEU B 53 -7.55 0.68 12.41
C LEU B 53 -8.19 1.79 13.25
N THR B 54 -7.70 3.03 13.09
CA THR B 54 -8.28 4.14 13.83
C THR B 54 -9.76 4.34 13.47
N LEU B 55 -10.11 4.15 12.18
CA LEU B 55 -11.52 4.26 11.80
C LEU B 55 -12.37 3.10 12.30
N LEU B 56 -11.76 1.97 12.70
CA LEU B 56 -12.42 0.84 13.32
C LEU B 56 -12.52 0.99 14.83
N SER B 57 -12.00 2.09 15.41
CA SER B 57 -11.88 2.18 16.87
C SER B 57 -13.19 2.60 17.51
N PRO B 58 -13.35 2.34 18.81
CA PRO B 58 -14.49 2.91 19.52
C PRO B 58 -14.56 4.43 19.42
N GLN B 59 -13.41 5.11 19.42
CA GLN B 59 -13.43 6.57 19.34
C GLN B 59 -14.08 7.03 18.03
N ALA B 60 -13.89 6.30 16.94
CA ALA B 60 -14.45 6.71 15.66
C ALA B 60 -15.96 6.58 15.57
N GLU B 61 -16.61 5.92 16.53
CA GLU B 61 -18.07 5.81 16.55
C GLU B 61 -18.75 7.16 16.61
N ALA B 62 -18.07 8.19 17.10
CA ALA B 62 -18.62 9.54 17.16
C ALA B 62 -18.60 10.22 15.80
N TYR B 63 -18.00 9.60 14.80
CA TYR B 63 -17.79 10.18 13.48
C TYR B 63 -18.47 9.39 12.37
N LEU B 64 -19.42 8.52 12.71
CA LEU B 64 -19.98 7.66 11.68
C LEU B 64 -20.77 8.44 10.63
N GLU B 65 -21.41 9.56 11.00
CA GLU B 65 -22.14 10.29 9.97
C GLU B 65 -21.17 10.88 8.94
N GLU B 66 -20.07 11.46 9.44
CA GLU B 66 -19.07 12.01 8.54
C GLU B 66 -18.45 10.92 7.68
N MET B 67 -18.18 9.75 8.28
CA MET B 67 -17.66 8.63 7.52
C MET B 67 -18.65 8.20 6.43
N ALA B 68 -19.94 8.12 6.78
CA ALA B 68 -20.95 7.68 5.81
C ALA B 68 -21.02 8.65 4.65
N GLN B 69 -20.99 9.95 4.94
CA GLN B 69 -21.03 10.94 3.86
C GLN B 69 -19.88 10.74 2.89
N LYS B 70 -18.66 10.55 3.41
CA LYS B 70 -17.52 10.38 2.52
C LYS B 70 -17.52 9.01 1.86
N ALA B 71 -17.91 7.98 2.59
CA ALA B 71 -17.95 6.66 1.99
C ALA B 71 -18.92 6.63 0.82
N HIS B 72 -20.08 7.25 0.96
CA HIS B 72 -21.03 7.25 -0.15
C HIS B 72 -20.42 7.97 -1.35
N ARG B 73 -19.81 9.15 -1.14
CA ARG B 73 -19.22 9.89 -2.24
CA ARG B 73 -19.24 9.88 -2.26
C ARG B 73 -18.16 9.05 -2.96
N LEU B 74 -17.29 8.39 -2.19
CA LEU B 74 -16.24 7.58 -2.79
C LEU B 74 -16.82 6.42 -3.59
N THR B 75 -17.85 5.79 -3.06
CA THR B 75 -18.41 4.63 -3.75
C THR B 75 -19.02 5.09 -5.07
N VAL B 76 -19.80 6.18 -5.06
CA VAL B 76 -20.36 6.69 -6.31
C VAL B 76 -19.26 7.06 -7.28
N GLN B 77 -18.16 7.66 -6.79
CA GLN B 77 -17.09 8.04 -7.69
C GLN B 77 -16.57 6.84 -8.47
N HIS B 78 -16.39 5.71 -7.80
CA HIS B 78 -15.75 4.55 -8.43
C HIS B 78 -16.72 3.53 -9.00
N PHE B 79 -17.98 3.54 -8.57
CA PHE B 79 -18.93 2.52 -9.00
C PHE B 79 -20.20 3.12 -9.56
N GLY B 80 -20.38 4.41 -9.50
CA GLY B 80 -21.64 5.00 -9.93
C GLY B 80 -22.72 4.58 -8.94
N ARG B 81 -23.96 4.90 -9.25
CA ARG B 81 -25.09 4.43 -8.44
C ARG B 81 -25.57 3.12 -9.04
N THR B 82 -24.75 2.11 -8.94
CA THR B 82 -24.99 0.78 -9.52
C THR B 82 -24.86 -0.27 -8.44
N MET B 83 -25.46 -1.43 -8.65
CA MET B 83 -25.38 -2.51 -7.66
C MET B 83 -25.40 -3.81 -8.44
N LEU B 84 -24.33 -4.57 -8.41
CA LEU B 84 -24.24 -5.83 -9.13
C LEU B 84 -25.01 -6.87 -8.36
N LEU B 85 -25.87 -7.63 -9.04
CA LEU B 85 -26.65 -8.70 -8.42
C LEU B 85 -26.11 -10.06 -8.82
N TYR B 86 -26.23 -11.01 -7.89
CA TYR B 86 -25.79 -12.37 -8.11
C TYR B 86 -26.58 -13.27 -7.16
N THR B 87 -26.35 -14.59 -7.27
CA THR B 87 -26.93 -15.48 -6.28
C THR B 87 -26.02 -16.69 -6.12
N PRO B 88 -26.08 -17.38 -4.98
CA PRO B 88 -25.32 -18.61 -4.80
C PRO B 88 -26.07 -19.83 -5.30
N LEU B 89 -25.29 -20.82 -5.71
CA LEU B 89 -25.80 -22.11 -6.14
C LEU B 89 -24.96 -23.15 -5.40
N TYR B 90 -25.58 -23.80 -4.44
CA TYR B 90 -24.90 -24.88 -3.68
C TYR B 90 -25.02 -26.19 -4.48
N LEU B 91 -23.88 -26.75 -4.90
CA LEU B 91 -23.87 -27.96 -5.72
C LEU B 91 -23.92 -29.23 -4.89
N ALA B 92 -23.31 -29.21 -3.72
CA ALA B 92 -23.16 -30.42 -2.89
C ALA B 92 -22.89 -30.01 -1.46
N ASN B 93 -23.26 -30.89 -0.53
CA ASN B 93 -23.06 -30.58 0.88
C ASN B 93 -22.34 -31.70 1.62
N TYR B 94 -21.68 -32.63 0.90
CA TYR B 94 -20.81 -33.58 1.57
C TYR B 94 -19.62 -32.81 2.15
N CYS B 95 -19.25 -33.12 3.39
CA CYS B 95 -18.11 -32.41 3.95
C CYS B 95 -17.43 -33.23 5.02
N VAL B 96 -16.10 -33.20 4.99
CA VAL B 96 -15.30 -33.91 5.98
C VAL B 96 -14.86 -33.02 7.12
N ASN B 97 -15.11 -31.71 7.06
CA ASN B 97 -14.66 -30.82 8.11
C ASN B 97 -15.66 -30.75 9.24
N GLN B 98 -15.20 -30.28 10.40
CA GLN B 98 -15.97 -30.19 11.63
C GLN B 98 -16.13 -28.72 12.08
N CYS B 99 -16.27 -27.78 11.13
CA CYS B 99 -16.39 -26.36 11.46
C CYS B 99 -17.56 -26.16 12.40
N VAL B 100 -17.29 -25.56 13.57
CA VAL B 100 -18.28 -25.57 14.64
C VAL B 100 -19.51 -24.77 14.28
N TYR B 101 -19.37 -23.76 13.41
CA TYR B 101 -20.42 -22.80 13.12
C TYR B 101 -21.29 -23.17 11.92
N CYS B 102 -21.02 -24.29 11.23
CA CYS B 102 -21.60 -24.53 9.90
C CYS B 102 -22.69 -25.61 9.92
N GLY B 103 -23.77 -25.39 9.18
CA GLY B 103 -24.84 -26.39 9.12
C GLY B 103 -24.43 -27.69 8.42
N PHE B 104 -23.36 -27.66 7.62
CA PHE B 104 -22.90 -28.85 6.90
C PHE B 104 -21.76 -29.58 7.61
N GLN B 105 -21.37 -29.16 8.80
CA GLN B 105 -20.27 -29.84 9.48
C GLN B 105 -20.54 -31.35 9.57
N LEU B 106 -19.45 -32.12 9.58
CA LEU B 106 -19.52 -33.57 9.41
C LEU B 106 -20.44 -34.23 10.45
N LYS B 107 -20.40 -33.76 11.69
CA LYS B 107 -21.19 -34.41 12.74
C LYS B 107 -22.69 -34.17 12.61
N ASN B 108 -23.11 -33.20 11.80
CA ASN B 108 -24.55 -32.97 11.66
C ASN B 108 -25.20 -34.08 10.86
N LYS B 109 -26.43 -34.41 11.24
CA LYS B 109 -27.22 -35.40 10.53
C LYS B 109 -28.17 -34.64 9.62
N LEU B 110 -27.81 -34.55 8.35
CA LEU B 110 -28.72 -34.08 7.33
C LEU B 110 -28.57 -35.01 6.14
N GLU B 111 -29.46 -34.88 5.17
CA GLU B 111 -29.38 -35.73 3.99
C GLU B 111 -28.29 -35.14 3.10
N ARG B 112 -27.18 -35.85 2.96
CA ARG B 112 -26.13 -35.34 2.09
C ARG B 112 -26.58 -35.51 0.64
N LYS B 113 -26.31 -34.50 -0.15
CA LYS B 113 -26.80 -34.43 -1.52
C LYS B 113 -25.72 -33.81 -2.39
N LYS B 114 -25.64 -34.28 -3.63
CA LYS B 114 -24.84 -33.67 -4.67
C LYS B 114 -25.78 -33.56 -5.87
N LEU B 115 -25.85 -32.41 -6.52
CA LEU B 115 -26.70 -32.27 -7.70
C LEU B 115 -26.15 -33.11 -8.83
N THR B 116 -27.05 -33.80 -9.56
CA THR B 116 -26.61 -34.39 -10.82
C THR B 116 -26.36 -33.27 -11.83
N LEU B 117 -25.66 -33.55 -12.93
CA LEU B 117 -25.44 -32.48 -13.92
C LEU B 117 -26.75 -31.99 -14.55
N ALA B 118 -27.77 -32.83 -14.63
CA ALA B 118 -29.03 -32.32 -15.13
C ALA B 118 -29.74 -31.45 -14.11
N GLU B 119 -29.58 -31.75 -12.82
CA GLU B 119 -30.10 -30.85 -11.80
C GLU B 119 -29.35 -29.52 -11.81
N VAL B 120 -28.01 -29.54 -12.00
CA VAL B 120 -27.26 -28.30 -12.12
C VAL B 120 -27.82 -27.49 -13.29
N GLU B 121 -28.05 -28.14 -14.41
CA GLU B 121 -28.51 -27.39 -15.59
C GLU B 121 -29.93 -26.85 -15.38
N GLN B 122 -30.81 -27.62 -14.75
CA GLN B 122 -32.16 -27.13 -14.47
C GLN B 122 -32.14 -25.95 -13.51
N GLU B 123 -31.31 -26.00 -12.47
CA GLU B 123 -31.25 -24.88 -11.56
C GLU B 123 -30.60 -23.68 -12.22
N ALA B 124 -29.59 -23.91 -13.05
CA ALA B 124 -28.98 -22.81 -13.80
C ALA B 124 -30.02 -22.10 -14.65
N GLN B 125 -30.89 -22.86 -15.35
CA GLN B 125 -31.96 -22.29 -16.16
C GLN B 125 -32.92 -21.49 -15.27
N LEU B 126 -33.26 -22.02 -14.09
CA LEU B 126 -34.17 -21.31 -13.18
C LEU B 126 -33.59 -19.98 -12.78
N ILE B 127 -32.31 -19.95 -12.47
CA ILE B 127 -31.65 -18.74 -12.04
C ILE B 127 -31.46 -17.79 -13.21
N ALA B 128 -31.06 -18.31 -14.38
CA ALA B 128 -30.87 -17.43 -15.51
C ALA B 128 -32.18 -16.82 -15.96
N ALA B 129 -33.30 -17.50 -15.68
CA ALA B 129 -34.62 -16.97 -16.04
C ALA B 129 -34.97 -15.73 -15.24
N THR B 130 -34.25 -15.43 -14.15
CA THR B 130 -34.46 -14.20 -13.41
C THR B 130 -33.66 -13.05 -13.98
N GLY B 131 -32.76 -13.30 -14.91
CA GLY B 131 -31.94 -12.25 -15.48
C GLY B 131 -30.52 -12.19 -14.94
N LEU B 132 -30.18 -12.98 -13.93
CA LEU B 132 -28.82 -12.92 -13.42
C LEU B 132 -27.83 -13.43 -14.47
N LYS B 133 -26.63 -12.85 -14.46
CA LYS B 133 -25.53 -13.27 -15.30
C LYS B 133 -24.31 -13.69 -14.51
N HIS B 134 -24.28 -13.40 -13.21
CA HIS B 134 -23.19 -13.77 -12.30
CA HIS B 134 -23.19 -13.78 -12.33
C HIS B 134 -23.71 -14.81 -11.34
N ILE B 135 -23.00 -15.95 -11.27
CA ILE B 135 -23.34 -17.04 -10.37
C ILE B 135 -22.13 -17.36 -9.51
N LEU B 136 -22.40 -17.77 -8.28
CA LEU B 136 -21.37 -18.19 -7.32
C LEU B 136 -21.70 -19.61 -6.94
N ILE B 137 -20.75 -20.56 -7.13
CA ILE B 137 -21.04 -21.97 -6.87
C ILE B 137 -20.29 -22.45 -5.65
N LEU B 138 -20.95 -23.26 -4.83
CA LEU B 138 -20.37 -23.72 -3.56
C LEU B 138 -20.47 -25.23 -3.41
N THR B 139 -19.50 -25.81 -2.66
CA THR B 139 -19.56 -27.21 -2.24
C THR B 139 -19.03 -27.31 -0.81
N GLY B 140 -19.33 -28.42 -0.15
CA GLY B 140 -18.58 -28.81 1.03
C GLY B 140 -17.20 -29.31 0.62
N GLU B 141 -16.35 -29.57 1.62
CA GLU B 141 -15.05 -30.16 1.29
C GLU B 141 -15.17 -31.67 1.26
N SER B 142 -15.29 -32.22 0.06
CA SER B 142 -15.33 -33.66 -0.12
C SER B 142 -14.67 -33.96 -1.47
N ARG B 143 -13.40 -34.33 -1.43
CA ARG B 143 -12.77 -34.75 -2.67
CA ARG B 143 -12.75 -34.76 -2.66
C ARG B 143 -13.30 -36.10 -3.15
N GLN B 144 -13.96 -36.86 -2.29
CA GLN B 144 -14.60 -38.09 -2.77
C GLN B 144 -15.88 -37.82 -3.55
N HIS B 145 -16.72 -36.89 -3.07
CA HIS B 145 -18.02 -36.69 -3.68
C HIS B 145 -18.13 -35.46 -4.54
N SER B 146 -17.41 -34.39 -4.24
CA SER B 146 -17.41 -33.19 -5.08
C SER B 146 -15.98 -32.79 -5.44
N PRO B 147 -15.27 -33.66 -6.18
CA PRO B 147 -13.90 -33.35 -6.59
C PRO B 147 -13.86 -32.26 -7.63
N VAL B 148 -12.64 -31.79 -7.86
CA VAL B 148 -12.42 -30.72 -8.83
C VAL B 148 -13.00 -31.08 -10.18
N SER B 149 -12.88 -32.34 -10.61
CA SER B 149 -13.45 -32.71 -11.91
C SER B 149 -14.96 -32.56 -11.95
N TYR B 150 -15.67 -32.76 -10.83
CA TYR B 150 -17.11 -32.54 -10.83
C TYR B 150 -17.41 -31.05 -10.91
N ILE B 151 -16.68 -30.25 -10.14
CA ILE B 151 -16.85 -28.80 -10.21
C ILE B 151 -16.61 -28.31 -11.63
N LYS B 152 -15.60 -28.86 -12.29
CA LYS B 152 -15.32 -28.49 -13.67
C LYS B 152 -16.48 -28.85 -14.58
N ASP B 153 -17.07 -30.04 -14.40
CA ASP B 153 -18.22 -30.41 -15.22
C ASP B 153 -19.38 -29.47 -14.99
N CYS B 154 -19.56 -28.99 -13.76
CA CYS B 154 -20.62 -28.00 -13.51
C CYS B 154 -20.32 -26.66 -14.17
N VAL B 155 -19.07 -26.20 -14.08
CA VAL B 155 -18.67 -24.96 -14.75
C VAL B 155 -18.96 -25.02 -16.24
N ASN B 156 -18.67 -26.16 -16.86
CA ASN B 156 -18.87 -26.28 -18.29
C ASN B 156 -20.33 -26.13 -18.66
N ILE B 157 -21.24 -26.60 -17.81
CA ILE B 157 -22.67 -26.35 -18.03
C ILE B 157 -23.03 -24.90 -17.76
N LEU B 158 -22.54 -24.36 -16.64
CA LEU B 158 -22.95 -23.04 -16.19
C LEU B 158 -22.53 -21.94 -17.16
N LYS B 159 -21.43 -22.12 -17.89
CA LYS B 159 -21.00 -21.05 -18.77
C LYS B 159 -21.92 -20.86 -19.96
N LYS B 160 -22.83 -21.80 -20.22
CA LYS B 160 -23.87 -21.57 -21.23
C LYS B 160 -24.91 -20.55 -20.78
N TYR B 161 -24.98 -20.26 -19.50
CA TYR B 161 -26.03 -19.41 -18.95
C TYR B 161 -25.50 -18.16 -18.27
N PHE B 162 -24.28 -18.18 -17.75
CA PHE B 162 -23.75 -17.11 -16.92
C PHE B 162 -22.47 -16.60 -17.54
N SER B 163 -22.34 -15.29 -17.63
CA SER B 163 -21.13 -14.68 -18.16
C SER B 163 -20.02 -14.56 -17.12
N SER B 164 -20.32 -14.67 -15.84
CA SER B 164 -19.29 -14.64 -14.83
C SER B 164 -19.60 -15.75 -13.84
N ILE B 165 -18.62 -16.63 -13.61
CA ILE B 165 -18.77 -17.73 -12.68
C ILE B 165 -17.70 -17.59 -11.60
N SER B 166 -18.13 -17.55 -10.34
CA SER B 166 -17.20 -17.53 -9.22
C SER B 166 -17.36 -18.83 -8.44
N ILE B 167 -16.26 -19.28 -7.82
CA ILE B 167 -16.28 -20.44 -6.93
C ILE B 167 -16.07 -20.01 -5.48
N GLU B 168 -16.76 -20.72 -4.59
CA GLU B 168 -16.56 -20.64 -3.14
C GLU B 168 -16.59 -22.08 -2.68
N ILE B 169 -15.42 -22.71 -2.73
CA ILE B 169 -15.26 -24.14 -2.49
C ILE B 169 -14.06 -24.33 -1.58
N TYR B 170 -13.66 -25.57 -1.34
CA TYR B 170 -12.48 -25.80 -0.51
C TYR B 170 -11.26 -25.16 -1.19
N PRO B 171 -10.23 -24.81 -0.42
CA PRO B 171 -9.06 -24.16 -1.03
C PRO B 171 -8.30 -25.14 -1.90
N LEU B 172 -7.73 -24.60 -2.98
CA LEU B 172 -7.10 -25.37 -4.04
C LEU B 172 -5.62 -25.02 -4.19
N THR B 173 -4.85 -25.88 -4.86
CA THR B 173 -3.51 -25.51 -5.26
C THR B 173 -3.57 -24.49 -6.41
N GLN B 174 -2.44 -23.85 -6.69
CA GLN B 174 -2.41 -22.94 -7.83
C GLN B 174 -2.78 -23.66 -9.12
N GLU B 175 -2.29 -24.89 -9.30
CA GLU B 175 -2.60 -25.62 -10.53
C GLU B 175 -4.09 -26.00 -10.63
N GLU B 176 -4.72 -26.32 -9.50
CA GLU B 176 -6.15 -26.59 -9.52
C GLU B 176 -6.93 -25.34 -9.84
N TYR B 177 -6.56 -24.20 -9.26
CA TYR B 177 -7.20 -22.96 -9.65
C TYR B 177 -7.04 -22.73 -11.15
N ALA B 178 -5.83 -22.91 -11.68
CA ALA B 178 -5.62 -22.70 -13.12
C ALA B 178 -6.51 -23.60 -13.96
N GLU B 179 -6.70 -24.84 -13.53
CA GLU B 179 -7.58 -25.75 -14.26
C GLU B 179 -9.02 -25.24 -14.31
N LEU B 180 -9.54 -24.76 -13.17
CA LEU B 180 -10.91 -24.26 -13.14
C LEU B 180 -11.04 -22.94 -13.89
N ILE B 181 -10.01 -22.08 -13.80
CA ILE B 181 -10.04 -20.86 -14.62
C ILE B 181 -10.09 -21.22 -16.09
N GLY B 182 -9.28 -22.20 -16.51
CA GLY B 182 -9.32 -22.63 -17.91
C GLY B 182 -10.68 -23.12 -18.35
N ALA B 183 -11.44 -23.74 -17.45
CA ALA B 183 -12.77 -24.24 -17.75
C ALA B 183 -13.81 -23.12 -17.78
N GLY B 184 -13.50 -21.94 -17.25
CA GLY B 184 -14.39 -20.80 -17.34
C GLY B 184 -14.63 -20.05 -16.04
N VAL B 185 -13.96 -20.41 -14.94
CA VAL B 185 -14.12 -19.66 -13.69
C VAL B 185 -13.36 -18.35 -13.78
N ASP B 186 -13.98 -17.24 -13.35
N ASP B 186 -14.00 -17.25 -13.36
CA ASP B 186 -13.29 -15.97 -13.33
CA ASP B 186 -13.42 -15.92 -13.34
C ASP B 186 -13.12 -15.37 -11.94
C ASP B 186 -13.10 -15.41 -11.94
N GLY B 187 -13.88 -15.83 -10.94
CA GLY B 187 -13.81 -15.25 -9.62
C GLY B 187 -13.64 -16.31 -8.55
N LEU B 188 -13.02 -15.90 -7.44
CA LEU B 188 -12.90 -16.70 -6.22
C LEU B 188 -13.51 -15.91 -5.08
N THR B 189 -14.35 -16.55 -4.27
CA THR B 189 -14.68 -16.04 -2.95
C THR B 189 -14.18 -17.05 -1.93
N ILE B 190 -13.40 -16.57 -0.95
CA ILE B 190 -12.96 -17.46 0.12
C ILE B 190 -12.79 -16.63 1.38
N TYR B 191 -13.47 -17.06 2.42
CA TYR B 191 -13.41 -16.35 3.70
C TYR B 191 -12.44 -17.08 4.64
N GLN B 192 -11.47 -16.34 5.17
CA GLN B 192 -10.55 -16.94 6.13
C GLN B 192 -11.26 -17.35 7.42
N GLU B 193 -12.45 -16.82 7.68
CA GLU B 193 -13.30 -17.18 8.82
C GLU B 193 -12.82 -16.43 10.06
N VAL B 194 -11.60 -16.73 10.52
CA VAL B 194 -11.05 -16.01 11.66
C VAL B 194 -9.56 -15.92 11.45
N TYR B 195 -9.00 -14.71 11.64
CA TYR B 195 -7.57 -14.50 11.42
C TYR B 195 -6.72 -14.81 12.64
N ASN B 196 -7.28 -14.76 13.84
CA ASN B 196 -6.55 -15.17 15.04
C ASN B 196 -6.33 -16.69 14.97
N GLU B 197 -5.05 -17.10 14.98
CA GLU B 197 -4.74 -18.52 14.74
C GLU B 197 -5.19 -19.41 15.88
N GLU B 198 -5.16 -18.91 17.10
CA GLU B 198 -5.59 -19.72 18.24
C GLU B 198 -7.09 -19.98 18.16
N VAL B 199 -7.87 -18.94 17.83
CA VAL B 199 -9.30 -19.15 17.68
C VAL B 199 -9.59 -20.04 16.48
N TYR B 200 -8.85 -19.85 15.39
CA TYR B 200 -9.07 -20.66 14.21
C TYR B 200 -8.93 -22.15 14.52
N ALA B 201 -7.94 -22.51 15.34
CA ALA B 201 -7.72 -23.93 15.64
C ALA B 201 -8.90 -24.54 16.41
N GLU B 202 -9.60 -23.75 17.21
CA GLU B 202 -10.78 -24.26 17.90
C GLU B 202 -12.04 -24.20 17.05
N MET B 203 -12.16 -23.23 16.15
CA MET B 203 -13.31 -23.21 15.24
C MET B 203 -13.24 -24.33 14.21
N HIS B 204 -12.05 -24.85 13.93
CA HIS B 204 -11.82 -25.84 12.89
C HIS B 204 -11.06 -26.99 13.53
N PRO B 205 -11.73 -27.78 14.36
CA PRO B 205 -11.01 -28.74 15.21
C PRO B 205 -10.55 -29.98 14.48
N ALA B 206 -11.08 -30.26 13.28
CA ALA B 206 -10.71 -31.47 12.58
C ALA B 206 -11.04 -31.29 11.11
N GLY B 207 -10.25 -31.95 10.28
CA GLY B 207 -10.43 -31.94 8.85
C GLY B 207 -9.36 -31.11 8.20
N PRO B 208 -9.33 -31.13 6.86
CA PRO B 208 -8.31 -30.35 6.14
C PRO B 208 -8.39 -28.86 6.41
N LYS B 209 -9.56 -28.33 6.77
CA LYS B 209 -9.68 -26.90 7.01
C LYS B 209 -8.94 -26.46 8.28
N ARG B 210 -8.47 -27.41 9.08
CA ARG B 210 -7.63 -27.04 10.20
C ARG B 210 -6.33 -26.37 9.75
N ASN B 211 -5.92 -26.54 8.49
CA ASN B 211 -4.67 -25.98 7.99
C ASN B 211 -4.86 -24.48 7.70
N TYR B 212 -4.51 -23.66 8.68
CA TYR B 212 -4.73 -22.21 8.64
C TYR B 212 -3.99 -21.58 7.46
N ARG B 213 -2.71 -21.88 7.33
CA ARG B 213 -1.92 -21.19 6.32
C ARG B 213 -2.30 -21.59 4.90
N PHE B 214 -2.63 -22.88 4.67
CA PHE B 214 -3.05 -23.26 3.32
C PHE B 214 -4.27 -22.45 2.91
N ARG B 215 -5.23 -22.29 3.82
CA ARG B 215 -6.42 -21.48 3.51
C ARG B 215 -6.06 -20.01 3.33
N LEU B 216 -5.20 -19.49 4.22
CA LEU B 216 -4.85 -18.07 4.20
C LEU B 216 -4.22 -17.66 2.88
N GLU B 217 -3.41 -18.55 2.29
CA GLU B 217 -2.69 -18.28 1.05
C GLU B 217 -3.49 -18.63 -0.20
N ALA B 218 -4.69 -19.20 -0.05
CA ALA B 218 -5.46 -19.55 -1.24
C ALA B 218 -5.74 -18.36 -2.16
N PRO B 219 -6.12 -17.16 -1.68
CA PRO B 219 -6.32 -16.06 -2.62
C PRO B 219 -5.09 -15.75 -3.44
N GLU B 220 -3.89 -15.78 -2.83
CA GLU B 220 -2.68 -15.55 -3.60
C GLU B 220 -2.48 -16.61 -4.67
N ARG B 221 -2.66 -17.90 -4.32
CA ARG B 221 -2.48 -18.94 -5.31
C ARG B 221 -3.47 -18.74 -6.47
N ALA B 222 -4.70 -18.34 -6.16
CA ALA B 222 -5.67 -18.17 -7.22
C ALA B 222 -5.34 -16.97 -8.10
N CYS B 223 -4.89 -15.87 -7.49
CA CYS B 223 -4.50 -14.74 -8.32
C CYS B 223 -3.27 -15.06 -9.17
N GLN B 224 -2.30 -15.80 -8.62
CA GLN B 224 -1.14 -16.23 -9.40
C GLN B 224 -1.54 -17.10 -10.59
N ALA B 225 -2.63 -17.86 -10.46
CA ALA B 225 -3.15 -18.69 -11.53
C ALA B 225 -3.93 -17.92 -12.57
N GLY B 226 -4.24 -16.65 -12.31
CA GLY B 226 -4.95 -15.81 -13.27
C GLY B 226 -6.39 -15.44 -12.91
N MET B 227 -6.80 -15.65 -11.67
CA MET B 227 -8.14 -15.27 -11.25
C MET B 227 -8.31 -13.77 -11.44
N ARG B 228 -9.46 -13.35 -11.99
CA ARG B 228 -9.71 -11.95 -12.31
C ARG B 228 -10.25 -11.17 -11.10
N THR B 229 -11.03 -11.80 -10.24
CA THR B 229 -11.59 -11.14 -9.06
C THR B 229 -11.43 -12.08 -7.88
N VAL B 230 -11.22 -11.49 -6.70
CA VAL B 230 -11.18 -12.26 -5.46
C VAL B 230 -11.93 -11.51 -4.39
N ASN B 231 -12.73 -12.22 -3.58
CA ASN B 231 -13.55 -11.63 -2.54
C ASN B 231 -13.23 -12.43 -1.29
N ILE B 232 -12.85 -11.73 -0.23
CA ILE B 232 -12.39 -12.32 1.02
C ILE B 232 -13.27 -11.86 2.18
N GLY B 233 -12.98 -12.32 3.39
CA GLY B 233 -13.73 -11.87 4.55
C GLY B 233 -13.58 -12.78 5.76
N ALA B 234 -13.55 -12.14 6.94
CA ALA B 234 -13.74 -12.82 8.21
C ALA B 234 -15.23 -13.06 8.46
N LEU B 235 -15.54 -14.17 9.14
CA LEU B 235 -16.90 -14.47 9.55
C LEU B 235 -17.18 -13.77 10.88
N LEU B 236 -17.99 -12.72 10.84
CA LEU B 236 -18.22 -11.85 11.99
C LEU B 236 -19.03 -12.58 13.04
N GLY B 237 -18.45 -12.67 14.24
CA GLY B 237 -19.04 -13.43 15.32
C GLY B 237 -18.08 -14.45 15.88
N LEU B 238 -17.06 -14.85 15.11
CA LEU B 238 -16.11 -15.85 15.63
C LEU B 238 -15.08 -15.25 16.59
N ASN B 239 -14.81 -13.94 16.53
CA ASN B 239 -13.72 -13.40 17.31
C ASN B 239 -13.80 -11.88 17.26
N ASP B 240 -13.20 -11.25 18.28
CA ASP B 240 -13.05 -9.80 18.40
C ASP B 240 -13.24 -9.06 17.08
N TRP B 241 -14.36 -8.38 16.92
CA TRP B 241 -14.74 -8.01 15.56
C TRP B 241 -13.85 -6.91 15.02
N ARG B 242 -13.43 -5.96 15.86
CA ARG B 242 -12.62 -4.87 15.31
C ARG B 242 -11.31 -5.41 14.79
N GLN B 243 -10.72 -6.38 15.50
CA GLN B 243 -9.48 -6.98 15.02
C GLN B 243 -9.70 -7.77 13.74
N GLU B 244 -10.81 -8.49 13.67
CA GLU B 244 -11.05 -9.35 12.52
C GLU B 244 -11.36 -8.51 11.28
N ALA B 245 -12.06 -7.39 11.46
CA ALA B 245 -12.29 -6.43 10.39
C ALA B 245 -10.95 -5.84 9.94
N PHE B 246 -10.08 -5.52 10.90
CA PHE B 246 -8.79 -4.95 10.56
C PHE B 246 -7.99 -5.93 9.71
N PHE B 247 -7.90 -7.19 10.15
CA PHE B 247 -7.11 -8.16 9.38
C PHE B 247 -7.72 -8.43 8.00
N THR B 248 -9.05 -8.44 7.90
CA THR B 248 -9.67 -8.59 6.58
C THR B 248 -9.23 -7.47 5.65
N GLY B 249 -9.31 -6.22 6.14
CA GLY B 249 -8.91 -5.09 5.30
C GLY B 249 -7.42 -5.12 4.99
N LEU B 250 -6.59 -5.51 5.96
CA LEU B 250 -5.15 -5.67 5.70
C LEU B 250 -4.89 -6.70 4.62
N HIS B 251 -5.66 -7.79 4.65
CA HIS B 251 -5.52 -8.85 3.67
C HIS B 251 -5.93 -8.37 2.29
N ALA B 252 -7.05 -7.63 2.22
CA ALA B 252 -7.49 -7.09 0.95
C ALA B 252 -6.48 -6.13 0.36
N ASP B 253 -5.92 -5.26 1.20
CA ASP B 253 -4.90 -4.30 0.75
C ASP B 253 -3.66 -5.04 0.25
N TYR B 254 -3.21 -6.06 0.99
CA TYR B 254 -2.06 -6.85 0.58
C TYR B 254 -2.29 -7.50 -0.78
N LEU B 255 -3.45 -8.12 -0.96
CA LEU B 255 -3.77 -8.75 -2.24
C LEU B 255 -3.81 -7.72 -3.36
N GLN B 256 -4.42 -6.56 -3.09
CA GLN B 256 -4.53 -5.57 -4.15
C GLN B 256 -3.16 -5.06 -4.57
N ARG B 257 -2.25 -4.93 -3.60
CA ARG B 257 -0.92 -4.45 -3.89
C ARG B 257 -0.10 -5.50 -4.62
N ARG B 258 -0.25 -6.78 -4.24
CA ARG B 258 0.47 -7.85 -4.92
C ARG B 258 -0.07 -8.07 -6.33
N PHE B 259 -1.35 -7.79 -6.56
CA PHE B 259 -2.02 -8.14 -7.82
C PHE B 259 -2.80 -6.93 -8.29
N PRO B 260 -2.12 -5.94 -8.87
CA PRO B 260 -2.82 -4.71 -9.26
C PRO B 260 -3.88 -4.93 -10.30
N ASP B 261 -3.79 -5.98 -11.11
CA ASP B 261 -4.78 -6.19 -12.17
C ASP B 261 -6.03 -6.93 -11.69
N VAL B 262 -6.04 -7.44 -10.45
CA VAL B 262 -7.20 -8.15 -9.90
C VAL B 262 -8.14 -7.17 -9.21
N GLU B 263 -9.43 -7.45 -9.30
CA GLU B 263 -10.41 -6.70 -8.52
C GLU B 263 -10.56 -7.40 -7.17
N VAL B 264 -10.24 -6.69 -6.10
CA VAL B 264 -10.29 -7.24 -4.74
C VAL B 264 -11.53 -6.69 -4.04
N SER B 265 -12.31 -7.57 -3.43
CA SER B 265 -13.50 -7.20 -2.66
CA SER B 265 -13.44 -7.13 -2.63
C SER B 265 -13.46 -7.85 -1.30
N ILE B 266 -14.29 -7.33 -0.38
CA ILE B 266 -14.54 -8.01 0.88
C ILE B 266 -16.04 -8.21 1.06
N SER B 267 -16.38 -9.17 1.88
CA SER B 267 -17.71 -9.41 2.45
C SER B 267 -17.59 -9.26 3.95
N PRO B 268 -18.62 -8.74 4.63
CA PRO B 268 -18.68 -8.74 6.11
C PRO B 268 -19.82 -9.64 6.58
N PRO B 269 -19.72 -10.95 6.36
CA PRO B 269 -20.83 -11.85 6.73
C PRO B 269 -20.95 -12.00 8.22
N ARG B 270 -22.18 -11.87 8.74
CA ARG B 270 -22.50 -12.15 10.13
C ARG B 270 -23.08 -13.55 10.30
N MET B 271 -22.76 -14.18 11.42
CA MET B 271 -23.26 -15.50 11.76
CA MET B 271 -23.26 -15.50 11.70
C MET B 271 -24.78 -15.52 11.77
N ARG B 272 -25.36 -16.63 11.32
CA ARG B 272 -26.79 -16.84 11.26
C ARG B 272 -27.13 -18.19 11.87
N PRO B 273 -28.39 -18.41 12.22
CA PRO B 273 -28.80 -19.70 12.80
C PRO B 273 -28.45 -20.84 11.86
N HIS B 274 -28.14 -21.99 12.43
CA HIS B 274 -27.77 -23.12 11.59
C HIS B 274 -27.91 -24.41 12.39
N LEU B 275 -28.04 -25.51 11.65
CA LEU B 275 -28.03 -26.83 12.26
C LEU B 275 -26.74 -27.03 13.04
N GLY B 276 -26.88 -27.44 14.28
CA GLY B 276 -25.74 -27.55 15.18
C GLY B 276 -25.76 -26.47 16.24
N GLY B 277 -26.25 -25.27 15.90
N GLY B 277 -26.37 -25.32 15.95
CA GLY B 277 -26.61 -24.26 16.89
CA GLY B 277 -26.57 -24.27 16.94
C GLY B 277 -25.52 -23.35 17.45
C GLY B 277 -25.36 -23.87 17.77
N PHE B 278 -24.23 -23.58 17.13
CA PHE B 278 -23.12 -22.91 17.83
C PHE B 278 -23.34 -21.40 17.85
N PRO B 279 -23.36 -20.76 19.03
CA PRO B 279 -23.67 -19.34 19.07
C PRO B 279 -22.42 -18.50 18.90
N PRO B 280 -22.54 -17.32 18.33
CA PRO B 280 -21.38 -16.42 18.18
C PRO B 280 -20.66 -16.20 19.50
N ARG B 281 -19.32 -16.11 19.42
CA ARG B 281 -18.40 -15.78 20.52
C ARG B 281 -18.36 -14.29 20.83
N VAL B 282 -18.76 -13.42 19.89
CA VAL B 282 -18.77 -11.98 20.12
C VAL B 282 -20.03 -11.42 19.51
N VAL B 283 -20.54 -10.36 20.11
CA VAL B 283 -21.67 -9.60 19.56
C VAL B 283 -21.14 -8.65 18.50
N VAL B 284 -21.75 -8.69 17.33
CA VAL B 284 -21.47 -7.73 16.26
C VAL B 284 -22.79 -7.03 15.97
N SER B 285 -22.95 -5.79 16.41
CA SER B 285 -24.21 -5.06 16.24
C SER B 285 -24.33 -4.51 14.83
N ASP B 286 -25.53 -4.04 14.50
CA ASP B 286 -25.72 -3.34 13.22
C ASP B 286 -24.78 -2.15 13.09
N GLN B 287 -24.61 -1.38 14.17
CA GLN B 287 -23.69 -0.26 14.07
C GLN B 287 -22.26 -0.73 13.84
N ASN B 288 -21.86 -1.84 14.46
CA ASN B 288 -20.52 -2.37 14.22
C ASN B 288 -20.33 -2.74 12.76
N LEU B 289 -21.33 -3.42 12.18
CA LEU B 289 -21.26 -3.77 10.77
C LEU B 289 -21.11 -2.53 9.89
N VAL B 290 -21.93 -1.50 10.17
CA VAL B 290 -21.83 -0.29 9.38
C VAL B 290 -20.47 0.37 9.54
N GLN B 291 -19.97 0.46 10.79
CA GLN B 291 -18.65 1.06 10.97
C GLN B 291 -17.59 0.33 10.15
N TYR B 292 -17.64 -1.01 10.15
CA TYR B 292 -16.70 -1.79 9.34
C TYR B 292 -16.79 -1.41 7.87
N VAL B 293 -18.00 -1.42 7.30
CA VAL B 293 -18.16 -1.12 5.89
C VAL B 293 -17.64 0.29 5.58
N LEU B 294 -17.98 1.27 6.42
CA LEU B 294 -17.55 2.65 6.18
C LEU B 294 -16.04 2.77 6.26
N ALA B 295 -15.44 2.22 7.32
CA ALA B 295 -13.99 2.29 7.49
C ALA B 295 -13.28 1.63 6.33
N PHE B 296 -13.79 0.47 5.90
CA PHE B 296 -13.14 -0.21 4.81
C PHE B 296 -13.26 0.58 3.50
N ARG B 297 -14.43 1.14 3.20
CA ARG B 297 -14.54 1.95 1.99
C ARG B 297 -13.54 3.10 1.99
N LEU B 298 -13.34 3.72 3.15
CA LEU B 298 -12.41 4.84 3.20
C LEU B 298 -10.96 4.39 3.03
N PHE B 299 -10.64 3.18 3.48
CA PHE B 299 -9.30 2.62 3.33
C PHE B 299 -9.03 2.13 1.93
N MET B 300 -10.03 1.52 1.29
CA MET B 300 -9.88 1.02 -0.08
CA MET B 300 -9.91 0.96 -0.06
C MET B 300 -11.04 1.49 -0.93
N PRO B 301 -10.94 2.73 -1.43
CA PRO B 301 -12.05 3.33 -2.19
C PRO B 301 -12.50 2.56 -3.42
N ARG B 302 -11.64 1.77 -4.04
CA ARG B 302 -11.95 1.06 -5.26
C ARG B 302 -12.32 -0.39 -5.05
N SER B 303 -12.33 -0.90 -3.82
CA SER B 303 -12.59 -2.31 -3.58
C SER B 303 -14.10 -2.57 -3.46
N GLY B 304 -14.55 -3.66 -4.06
CA GLY B 304 -15.95 -4.02 -3.88
C GLY B 304 -16.29 -4.40 -2.44
N ILE B 305 -17.55 -4.18 -2.08
CA ILE B 305 -18.09 -4.64 -0.81
C ILE B 305 -19.38 -5.40 -1.09
N THR B 306 -19.39 -6.69 -0.75
CA THR B 306 -20.49 -7.60 -1.06
C THR B 306 -21.37 -7.78 0.16
N LEU B 307 -22.69 -7.63 0.01
CA LEU B 307 -23.62 -7.83 1.10
C LEU B 307 -24.63 -8.92 0.77
N SER B 308 -24.64 -9.99 1.57
CA SER B 308 -25.45 -11.17 1.32
C SER B 308 -26.80 -11.08 2.04
N THR B 309 -27.60 -12.15 1.83
CA THR B 309 -28.90 -12.27 2.46
C THR B 309 -28.82 -12.67 3.92
N ARG B 310 -27.62 -12.76 4.49
CA ARG B 310 -27.53 -12.90 5.94
CA ARG B 310 -27.50 -12.90 5.94
C ARG B 310 -28.14 -11.71 6.64
N GLU B 311 -28.16 -10.55 5.99
CA GLU B 311 -28.71 -9.33 6.55
C GLU B 311 -30.18 -9.16 6.15
N ASN B 312 -30.99 -8.62 7.07
CA ASN B 312 -32.39 -8.45 6.79
C ASN B 312 -32.63 -7.36 5.75
N GLY B 313 -33.81 -7.41 5.16
CA GLY B 313 -34.11 -6.47 4.08
C GLY B 313 -34.02 -5.02 4.48
N ARG B 314 -34.48 -4.69 5.68
CA ARG B 314 -34.46 -3.30 6.11
C ARG B 314 -33.02 -2.78 6.20
N LEU B 315 -32.12 -3.58 6.78
CA LEU B 315 -30.73 -3.14 6.88
C LEU B 315 -30.07 -3.11 5.51
N ARG B 316 -30.36 -4.10 4.64
CA ARG B 316 -29.76 -4.03 3.31
C ARG B 316 -30.22 -2.80 2.55
N ASP B 317 -31.49 -2.43 2.66
CA ASP B 317 -31.98 -1.23 2.00
C ASP B 317 -31.21 -0.03 2.53
N ALA B 318 -30.97 0.01 3.85
CA ALA B 318 -30.27 1.16 4.44
C ALA B 318 -28.81 1.20 4.03
N MET B 319 -28.22 0.07 3.67
CA MET B 319 -26.80 0.05 3.31
CA MET B 319 -26.80 -0.04 3.29
C MET B 319 -26.55 0.27 1.83
N VAL B 320 -27.61 0.41 1.04
CA VAL B 320 -27.44 0.59 -0.41
C VAL B 320 -26.51 1.76 -0.71
N ARG B 321 -26.61 2.83 0.07
CA ARG B 321 -25.82 4.03 -0.19
C ARG B 321 -24.56 4.14 0.66
N LEU B 322 -24.23 3.12 1.45
CA LEU B 322 -23.17 3.26 2.45
C LEU B 322 -21.88 2.56 2.05
N GLY B 323 -21.76 2.04 0.83
CA GLY B 323 -20.51 1.45 0.38
C GLY B 323 -20.62 0.10 -0.30
N VAL B 324 -21.77 -0.52 -0.13
CA VAL B 324 -22.02 -1.81 -0.77
C VAL B 324 -22.06 -1.62 -2.28
N THR B 325 -21.48 -2.56 -3.00
CA THR B 325 -21.43 -2.54 -4.46
C THR B 325 -21.98 -3.79 -5.11
N LYS B 326 -22.20 -4.85 -4.34
CA LYS B 326 -22.68 -6.13 -4.87
C LYS B 326 -23.62 -6.72 -3.86
N MET B 327 -24.77 -7.22 -4.30
CA MET B 327 -25.74 -7.78 -3.40
C MET B 327 -26.27 -9.08 -3.98
N SER B 328 -26.45 -10.10 -3.11
CA SER B 328 -27.13 -11.29 -3.57
C SER B 328 -28.64 -11.11 -3.46
N ALA B 329 -29.36 -11.91 -4.23
CA ALA B 329 -30.81 -11.91 -4.13
C ALA B 329 -31.33 -13.27 -4.58
N GLY B 330 -32.56 -13.62 -4.16
CA GLY B 330 -33.10 -14.93 -4.53
C GLY B 330 -32.26 -16.08 -4.03
N SER B 331 -31.56 -15.92 -2.91
CA SER B 331 -30.57 -16.88 -2.45
CA SER B 331 -30.57 -16.89 -2.47
C SER B 331 -31.22 -18.13 -1.89
N CYS B 332 -30.45 -19.22 -1.88
CA CYS B 332 -30.86 -20.45 -1.22
C CYS B 332 -29.57 -21.10 -0.74
N THR B 333 -29.50 -21.50 0.52
CA THR B 333 -28.29 -22.09 1.08
C THR B 333 -28.38 -23.62 1.20
N ALA B 334 -29.40 -24.22 0.61
CA ALA B 334 -29.56 -25.68 0.63
C ALA B 334 -29.36 -26.25 -0.76
N VAL B 335 -28.75 -27.44 -0.83
CA VAL B 335 -28.57 -28.15 -2.09
C VAL B 335 -29.94 -28.56 -2.62
N GLY B 336 -30.34 -27.99 -3.75
CA GLY B 336 -31.66 -28.28 -4.31
C GLY B 336 -32.80 -27.57 -3.62
N GLY B 337 -32.53 -26.67 -2.68
CA GLY B 337 -33.59 -26.02 -1.94
C GLY B 337 -34.50 -25.15 -2.76
N ARG B 338 -34.05 -24.69 -3.93
CA ARG B 338 -34.93 -23.90 -4.77
C ARG B 338 -36.12 -24.71 -5.26
N SER B 339 -36.05 -26.05 -5.20
CA SER B 339 -37.19 -26.88 -5.53
C SER B 339 -37.62 -27.80 -4.39
N ASP B 340 -37.09 -27.61 -3.18
CA ASP B 340 -37.44 -28.47 -2.05
C ASP B 340 -37.33 -27.60 -0.81
N GLN B 341 -38.48 -27.08 -0.35
CA GLN B 341 -38.49 -26.14 0.77
C GLN B 341 -38.06 -26.79 2.09
N GLU B 342 -38.02 -28.13 2.15
CA GLU B 342 -37.61 -28.87 3.32
C GLU B 342 -36.11 -29.13 3.37
N ALA B 343 -35.39 -28.83 2.29
CA ALA B 343 -33.95 -29.06 2.28
C ALA B 343 -33.26 -28.16 3.30
N VAL B 344 -32.28 -28.72 3.98
CA VAL B 344 -31.57 -28.04 5.06
C VAL B 344 -30.42 -27.19 4.52
N GLY B 345 -30.41 -25.90 4.87
CA GLY B 345 -29.38 -24.98 4.42
C GLY B 345 -28.12 -24.99 5.26
N GLN B 346 -27.08 -24.40 4.66
CA GLN B 346 -25.83 -24.20 5.40
C GLN B 346 -26.07 -23.33 6.64
N PHE B 347 -26.95 -22.35 6.51
CA PHE B 347 -27.39 -21.44 7.58
C PHE B 347 -28.68 -20.79 7.11
N GLN B 348 -29.37 -20.14 8.04
CA GLN B 348 -30.65 -19.53 7.71
C GLN B 348 -30.48 -18.14 7.12
N ILE B 349 -31.00 -17.90 5.93
CA ILE B 349 -30.92 -16.55 5.38
C ILE B 349 -31.98 -15.66 6.07
N SER B 350 -31.75 -14.34 5.95
CA SER B 350 -32.66 -13.36 6.51
C SER B 350 -33.49 -12.68 5.41
N ASP B 351 -32.82 -12.09 4.42
CA ASP B 351 -33.53 -11.35 3.38
C ASP B 351 -33.95 -12.35 2.30
N GLU B 352 -35.23 -12.68 2.26
CA GLU B 352 -35.79 -13.68 1.34
C GLU B 352 -36.26 -13.07 0.03
N ARG B 353 -35.95 -11.80 -0.23
CA ARG B 353 -36.46 -11.18 -1.44
C ARG B 353 -35.85 -11.83 -2.69
N THR B 354 -36.68 -11.90 -3.72
CA THR B 354 -36.26 -12.40 -5.03
C THR B 354 -35.35 -11.38 -5.74
N VAL B 355 -34.71 -11.85 -6.83
CA VAL B 355 -33.98 -10.93 -7.72
C VAL B 355 -34.86 -9.76 -8.11
N ALA B 356 -36.10 -10.03 -8.54
CA ALA B 356 -36.92 -8.94 -9.03
C ALA B 356 -37.24 -7.96 -7.91
N GLU B 357 -37.50 -8.48 -6.70
CA GLU B 357 -37.78 -7.57 -5.58
C GLU B 357 -36.59 -6.70 -5.22
N VAL B 358 -35.38 -7.26 -5.22
CA VAL B 358 -34.21 -6.46 -4.89
C VAL B 358 -33.93 -5.46 -5.99
N ALA B 359 -34.09 -5.87 -7.25
CA ALA B 359 -33.87 -4.92 -8.35
C ALA B 359 -34.87 -3.78 -8.27
N ALA B 360 -36.15 -4.08 -7.99
CA ALA B 360 -37.14 -3.01 -7.90
C ALA B 360 -36.82 -2.05 -6.76
N MET B 361 -36.36 -2.59 -5.62
CA MET B 361 -35.98 -1.73 -4.52
C MET B 361 -34.84 -0.82 -4.94
N LEU B 362 -33.86 -1.34 -5.66
CA LEU B 362 -32.74 -0.53 -6.10
C LEU B 362 -33.19 0.60 -7.02
N TYR B 363 -34.02 0.28 -8.00
CA TYR B 363 -34.49 1.35 -8.87
C TYR B 363 -35.18 2.43 -8.07
N ALA B 364 -35.99 2.05 -7.08
CA ALA B 364 -36.74 3.04 -6.31
C ALA B 364 -35.84 3.94 -5.47
N GLN B 365 -34.64 3.49 -5.11
CA GLN B 365 -33.63 4.28 -4.43
C GLN B 365 -32.77 5.06 -5.38
N GLY B 366 -33.08 5.09 -6.66
CA GLY B 366 -32.23 5.81 -7.60
C GLY B 366 -30.99 5.08 -8.00
N TYR B 367 -30.94 3.77 -7.79
CA TYR B 367 -29.79 2.93 -8.10
C TYR B 367 -30.15 2.05 -9.29
N GLN B 368 -29.14 1.69 -10.07
CA GLN B 368 -29.34 0.82 -11.21
CA GLN B 368 -29.31 0.82 -11.23
C GLN B 368 -28.86 -0.58 -10.84
N PRO B 369 -29.76 -1.56 -10.76
CA PRO B 369 -29.28 -2.94 -10.67
C PRO B 369 -28.52 -3.27 -11.94
N VAL B 370 -27.39 -3.92 -11.80
CA VAL B 370 -26.58 -4.34 -12.93
C VAL B 370 -26.29 -5.82 -12.81
N TYR B 371 -26.10 -6.45 -13.96
CA TYR B 371 -25.95 -7.90 -14.04
C TYR B 371 -24.59 -8.30 -14.53
N LYS B 372 -23.80 -7.34 -15.00
CA LYS B 372 -22.41 -7.51 -15.39
C LYS B 372 -21.52 -6.53 -14.64
N ASP B 373 -20.25 -6.90 -14.50
CA ASP B 373 -19.24 -6.13 -13.78
C ASP B 373 -18.26 -5.57 -14.80
N TRP B 374 -17.95 -4.27 -14.71
CA TRP B 374 -16.91 -3.68 -15.53
C TRP B 374 -15.55 -4.08 -14.97
N GLN B 375 -14.85 -5.00 -15.64
CA GLN B 375 -13.53 -5.46 -15.21
C GLN B 375 -12.52 -5.03 -16.24
N ALA B 376 -11.70 -4.03 -15.91
CA ALA B 376 -10.70 -3.52 -16.84
C ALA B 376 -9.58 -4.52 -16.99
N LEU B 377 -9.26 -4.87 -18.24
CA LEU B 377 -8.12 -5.74 -18.53
C LEU B 377 -7.22 -5.05 -19.55
FE1 SF4 C . 17.55 25.62 -3.37
FE2 SF4 C . 19.95 27.12 -2.58
FE3 SF4 C . 18.22 28.36 -4.24
FE4 SF4 C . 19.73 26.34 -5.10
S1 SF4 C . 20.48 28.41 -4.43
S2 SF4 C . 17.51 26.62 -5.54
S3 SF4 C . 19.79 24.92 -3.28
S4 SF4 C . 17.81 27.62 -2.09
N1 5AD D . 25.12 18.96 -7.34
C2 5AD D . 24.29 18.05 -6.87
N3 5AD D . 23.23 18.28 -6.10
C4 5AD D . 22.98 19.59 -5.82
N9 5AD D . 22.02 20.20 -5.06
C8 5AD D . 22.23 21.54 -5.13
N7 5AD D . 23.30 21.82 -5.87
C5 5AD D . 23.78 20.61 -6.31
C6 5AD D . 24.92 20.25 -7.06
N6 5AD D . 25.85 21.16 -7.61
C1' 5AD D . 21.09 19.48 -4.33
C2' 5AD D . 20.75 20.14 -2.93
C3' 5AD D . 19.49 20.51 -3.06
C4' 5AD D . 18.88 19.45 -4.10
C5' 5AD D . 17.50 19.83 -4.70
O4' 5AD D . 19.84 19.43 -5.03
O2' 5AD D . 20.94 19.03 -1.97
O3' 5AD D . 18.65 20.50 -1.82
N MET E . 15.32 25.75 -3.11
CA MET E . 14.82 24.67 -2.25
C MET E . 15.90 24.28 -1.22
O MET E . 17.09 24.60 -1.45
CB MET E . 14.42 23.44 -3.11
CG MET E . 15.60 22.56 -3.49
SD MET E . 16.85 23.33 -4.49
CE MET E . 15.91 23.54 -6.03
OXT MET E . 15.48 23.65 -0.22
N TYR F . 17.84 17.14 -7.06
CA TYR F . 16.52 16.71 -6.59
C TYR F . 16.61 15.43 -5.76
O TYR F . 15.66 15.16 -5.01
CB TYR F . 15.54 16.52 -7.79
CG TYR F . 16.02 15.43 -8.72
CD1 TYR F . 15.61 14.10 -8.55
CD2 TYR F . 16.92 15.73 -9.75
CE1 TYR F . 16.13 13.09 -9.37
CE2 TYR F . 17.43 14.74 -10.62
CZ TYR F . 17.02 13.42 -10.41
OH TYR F . 17.46 12.43 -11.20
OXT TYR F . 17.59 14.67 -5.81
S SO4 G . 33.16 -13.84 15.63
O1 SO4 G . 32.46 -13.03 14.63
O2 SO4 G . 33.74 -15.02 15.01
O3 SO4 G . 34.23 -13.03 16.23
O4 SO4 G . 32.22 -14.24 16.66
S SO4 H . 17.72 -13.09 -5.58
O1 SO4 H . 18.09 -13.40 -6.97
O2 SO4 H . 16.83 -14.22 -5.26
O3 SO4 H . 18.79 -13.08 -4.59
O4 SO4 H . 16.97 -11.84 -5.51
S SO4 I . 16.04 14.46 -5.96
O1 SO4 I . 16.54 15.79 -6.32
O2 SO4 I . 15.44 13.82 -7.13
O3 SO4 I . 15.07 14.57 -4.87
O4 SO4 I . 17.18 13.67 -5.48
K K J . 1.46 29.46 -22.06
BR BR K . 11.64 9.93 -20.48
BR BR L . 11.90 34.41 -0.42
BR BR M . 13.18 0.39 9.30
BR BR N . 38.40 -8.18 15.97
BR BR O . 18.49 -12.54 -6.32
BR BR P . 23.01 21.74 -17.11
FE1 SF4 Q . -17.24 -25.23 4.26
FE2 SF4 Q . -16.68 -26.04 7.03
FE3 SF4 Q . -17.69 -27.93 5.38
FE4 SF4 Q . -19.20 -25.92 6.24
S1 SF4 Q . -18.29 -27.60 7.54
S2 SF4 Q . -19.11 -26.68 4.11
S3 SF4 Q . -17.74 -24.13 6.27
S4 SF4 Q . -15.69 -26.81 5.16
N1 5AD R . -23.85 -18.32 9.41
C2 5AD R . -23.39 -17.49 8.48
N3 5AD R . -22.41 -17.74 7.62
C4 5AD R . -21.88 -18.99 7.76
N9 5AD R . -20.89 -19.57 7.05
C8 5AD R . -20.73 -20.83 7.55
N7 5AD R . -21.60 -21.09 8.53
C5 5AD R . -22.34 -19.91 8.69
C6 5AD R . -23.36 -19.52 9.57
N6 5AD R . -23.89 -20.33 10.60
C1' 5AD R . -20.10 -18.91 6.11
C2' 5AD R . -18.55 -19.30 6.11
C3' 5AD R . -18.34 -19.92 4.98
C4' 5AD R . -19.42 -19.22 3.99
C5' 5AD R . -19.74 -20.04 2.72
O4' 5AD R . -20.49 -19.24 4.76
O2' 5AD R . -17.89 -17.97 6.27
O3' 5AD R . -16.98 -19.77 4.42
N MET S . -16.54 -25.74 2.18
CA MET S . -15.82 -24.58 1.60
C MET S . -15.10 -23.77 2.70
O MET S . -14.17 -23.00 2.29
CB MET S . -16.77 -23.67 0.79
CG MET S . -17.58 -22.69 1.66
SD MET S . -18.62 -23.42 2.90
CE MET S . -19.87 -24.24 1.83
OXT MET S . -15.52 -23.90 3.86
N TYR T . -22.44 -17.83 2.10
CA TYR T . -21.83 -17.62 0.78
C TYR T . -21.24 -16.20 0.67
O TYR T . -20.38 -15.96 -0.22
CB TYR T . -22.82 -17.91 -0.38
CG TYR T . -24.01 -16.97 -0.31
CD1 TYR T . -23.98 -15.76 -0.95
CD2 TYR T . -25.14 -17.30 0.46
CE1 TYR T . -25.05 -14.85 -0.84
CE2 TYR T . -26.24 -16.44 0.56
CZ TYR T . -26.18 -15.17 -0.07
OH TYR T . -27.18 -14.31 -0.02
OXT TYR T . -21.59 -15.23 1.43
C1 GOL U . -15.53 -2.42 22.72
O1 GOL U . -16.12 -1.17 22.89
C2 GOL U . -15.78 -2.87 21.27
O2 GOL U . -14.70 -3.61 20.74
C3 GOL U . -17.10 -3.70 21.30
O3 GOL U . -17.74 -3.56 20.03
S SO4 V . -26.80 10.62 -4.16
S SO4 V . -26.64 11.32 -4.42
O1 SO4 V . -25.86 10.03 -5.11
O1 SO4 V . -26.40 12.21 -5.57
O2 SO4 V . -27.78 11.53 -4.72
O2 SO4 V . -28.03 11.38 -4.00
O3 SO4 V . -27.42 9.56 -3.35
O3 SO4 V . -26.37 9.94 -4.77
O4 SO4 V . -25.97 11.40 -3.22
O4 SO4 V . -25.76 11.63 -3.28
S SO4 W . -21.62 -15.45 0.04
O1 SO4 W . -20.27 -15.52 -0.56
O2 SO4 W . -22.64 -15.12 -0.96
O3 SO4 W . -21.93 -16.72 0.72
O4 SO4 W . -21.54 -14.39 1.06
BR BR X . -7.84 19.52 13.63
BR BR Y . -24.49 6.16 10.21
BR BR Z . -28.55 11.43 6.64
BR BR AA . -34.33 -13.40 10.87
BR BR BA . -35.23 -14.84 -7.56
BR BR BA . -36.11 -16.38 -7.26
#